data_5MAQ
#
_entry.id   5MAQ
#
_cell.length_a   166.159
_cell.length_b   166.159
_cell.length_c   94.985
_cell.angle_alpha   90.00
_cell.angle_beta   90.00
_cell.angle_gamma   90.00
#
_symmetry.space_group_name_H-M   'P 43 21 2'
#
loop_
_entity.id
_entity.type
_entity.pdbx_description
1 polymer 'Polyphosphate:AMP phosphotransferase'
2 non-polymer "ADENOSINE-5'-DIPHOSPHATE"
3 non-polymer PYROPHOSPHATE
4 non-polymer 'MAGNESIUM ION'
5 water water
#
_entity_poly.entity_id   1
_entity_poly.type   'polypeptide(L)'
_entity_poly.pdbx_seq_one_letter_code
;MGSSHHHHHHSSGLVPRGSHMKKYRVQPDGRFELKRFDPDDTSAFEGGKQAALEALAVLNRRLEKLQELLYAEGQHKVLV
VLQAMDAGGKDGTIRVVFDGVNPSGVRVASFGVPTEQELARDYLWRVHQQVPRKGELVIFNRSHYEDVLVVRVKNLVPQQ
VWQKRYRHIREFERMLADEGTTILKFFLHISKDEQRQRLQERLDNPEKRWKFRMGDLEDRRLWDRYQEAYEAAIRETSTE
YAPWYVIPANKNWYRNWLVSHILVETLEGLAMQYPQPETASEKIVIE
;
_entity_poly.pdbx_strand_id   A,B,C,D
#
loop_
_chem_comp.id
_chem_comp.type
_chem_comp.name
_chem_comp.formula
ADP non-polymer ADENOSINE-5'-DIPHOSPHATE 'C10 H15 N5 O10 P2'
MG non-polymer 'MAGNESIUM ION' 'Mg 2'
PPV non-polymer PYROPHOSPHATE 'H4 O7 P2'
#
# COMPACT_ATOMS: atom_id res chain seq x y z
N MET A 21 39.47 0.39 11.65
CA MET A 21 38.25 0.91 11.01
C MET A 21 36.96 0.66 11.85
N LYS A 22 37.11 0.04 13.05
CA LYS A 22 36.00 -0.21 14.01
C LYS A 22 35.98 0.99 14.97
N LYS A 23 36.87 1.94 14.68
CA LYS A 23 37.13 3.24 15.30
C LYS A 23 35.97 4.18 14.98
N TYR A 24 35.16 3.85 13.92
CA TYR A 24 34.00 4.64 13.47
C TYR A 24 32.65 4.10 13.98
N ARG A 25 32.63 2.86 14.52
CA ARG A 25 31.43 2.26 15.08
C ARG A 25 31.19 2.89 16.45
N VAL A 26 29.96 3.42 16.65
CA VAL A 26 29.59 4.06 17.91
C VAL A 26 29.13 3.01 18.94
N GLN A 27 29.97 2.79 19.95
CA GLN A 27 29.75 1.83 21.02
C GLN A 27 28.42 2.06 21.77
N PRO A 28 27.69 0.99 22.16
CA PRO A 28 26.43 1.20 22.91
C PRO A 28 26.61 1.51 24.40
N ASP A 29 27.51 2.44 24.72
CA ASP A 29 27.82 2.85 26.10
C ASP A 29 27.11 4.13 26.54
N GLY A 30 26.43 4.80 25.59
CA GLY A 30 25.79 6.10 25.82
C GLY A 30 26.75 7.23 26.19
N ARG A 31 28.01 7.18 25.71
CA ARG A 31 29.03 8.19 25.99
C ARG A 31 29.61 8.84 24.70
N PHE A 32 28.88 8.73 23.57
CA PHE A 32 29.23 9.30 22.27
C PHE A 32 29.43 10.81 22.34
N GLU A 33 30.44 11.30 21.59
CA GLU A 33 30.76 12.72 21.47
C GLU A 33 31.17 13.00 20.03
N LEU A 34 30.43 13.92 19.41
CA LEU A 34 30.65 14.29 18.02
C LEU A 34 31.95 15.11 17.81
N LYS A 35 32.42 15.84 18.84
CA LYS A 35 33.68 16.61 18.76
C LYS A 35 34.93 15.70 18.56
N ARG A 36 34.81 14.41 18.93
CA ARG A 36 35.85 13.38 18.82
C ARG A 36 36.07 12.91 17.37
N PHE A 37 35.12 13.28 16.50
CA PHE A 37 35.13 12.93 15.09
C PHE A 37 35.43 14.17 14.24
N ASP A 38 36.45 14.07 13.38
CA ASP A 38 36.79 15.18 12.52
C ASP A 38 36.29 14.88 11.10
N PRO A 39 35.42 15.73 10.52
CA PRO A 39 34.98 15.51 9.13
C PRO A 39 36.14 15.38 8.13
N ASP A 40 37.29 16.01 8.43
CA ASP A 40 38.45 15.99 7.54
C ASP A 40 39.37 14.79 7.73
N ASP A 41 39.12 13.94 8.76
CA ASP A 41 39.90 12.73 9.04
C ASP A 41 39.86 11.70 7.90
N THR A 42 41.06 11.18 7.51
CA THR A 42 41.25 10.17 6.46
C THR A 42 42.23 9.08 6.94
N SER A 43 42.44 8.99 8.26
CA SER A 43 43.43 8.10 8.89
C SER A 43 43.23 6.61 8.62
N ALA A 44 41.99 6.12 8.32
CA ALA A 44 41.79 4.69 8.04
C ALA A 44 42.32 4.23 6.63
N PHE A 45 42.62 5.18 5.72
CA PHE A 45 43.18 4.88 4.42
C PHE A 45 44.62 5.38 4.27
N GLU A 46 45.54 4.45 3.96
CA GLU A 46 46.93 4.71 3.81
C GLU A 46 47.23 5.20 2.40
N GLY A 47 46.77 6.41 2.15
CA GLY A 47 46.92 7.08 0.87
C GLY A 47 45.86 8.12 0.60
N GLY A 48 45.89 8.63 -0.61
CA GLY A 48 44.94 9.63 -1.07
C GLY A 48 43.96 9.06 -2.06
N LYS A 49 43.33 9.98 -2.81
CA LYS A 49 42.26 9.75 -3.78
C LYS A 49 42.58 8.68 -4.85
N GLN A 50 43.58 8.90 -5.72
CA GLN A 50 43.91 7.95 -6.80
C GLN A 50 43.96 6.48 -6.33
N ALA A 51 44.65 6.20 -5.20
CA ALA A 51 44.79 4.86 -4.60
C ALA A 51 43.45 4.34 -4.04
N ALA A 52 42.63 5.24 -3.47
CA ALA A 52 41.34 4.96 -2.86
C ALA A 52 40.30 4.62 -3.90
N LEU A 53 40.43 5.21 -5.09
CA LEU A 53 39.51 4.96 -6.19
C LEU A 53 39.71 3.54 -6.65
N GLU A 54 40.98 3.08 -6.69
CA GLU A 54 41.35 1.71 -7.04
C GLU A 54 40.77 0.77 -6.00
N ALA A 55 40.93 1.09 -4.68
CA ALA A 55 40.47 0.29 -3.54
C ALA A 55 38.93 0.15 -3.56
N LEU A 56 38.23 1.25 -3.91
CA LEU A 56 36.77 1.33 -4.01
C LEU A 56 36.26 0.45 -5.15
N ALA A 57 36.99 0.44 -6.29
CA ALA A 57 36.66 -0.37 -7.46
C ALA A 57 36.65 -1.84 -7.12
N VAL A 58 37.61 -2.29 -6.27
CA VAL A 58 37.73 -3.65 -5.77
C VAL A 58 36.53 -4.00 -4.87
N LEU A 59 36.22 -3.13 -3.90
CA LEU A 59 35.08 -3.30 -2.97
C LEU A 59 33.74 -3.27 -3.70
N ASN A 60 33.62 -2.43 -4.73
CA ASN A 60 32.39 -2.34 -5.51
C ASN A 60 32.06 -3.65 -6.24
N ARG A 61 33.11 -4.32 -6.75
CA ARG A 61 32.99 -5.61 -7.43
C ARG A 61 32.52 -6.69 -6.44
N ARG A 62 33.08 -6.67 -5.20
CA ARG A 62 32.74 -7.59 -4.12
C ARG A 62 31.30 -7.32 -3.70
N LEU A 63 30.90 -6.02 -3.62
CA LEU A 63 29.55 -5.63 -3.27
C LEU A 63 28.56 -6.18 -4.31
N GLU A 64 28.87 -6.04 -5.62
CA GLU A 64 28.05 -6.56 -6.72
C GLU A 64 27.82 -8.06 -6.54
N LYS A 65 28.89 -8.83 -6.26
CA LYS A 65 28.81 -10.27 -6.04
C LYS A 65 28.01 -10.61 -4.76
N LEU A 66 28.26 -9.89 -3.65
CA LEU A 66 27.58 -10.09 -2.39
C LEU A 66 26.07 -9.88 -2.51
N GLN A 67 25.65 -8.88 -3.32
CA GLN A 67 24.25 -8.59 -3.55
C GLN A 67 23.62 -9.75 -4.32
N GLU A 68 24.36 -10.31 -5.31
CA GLU A 68 23.82 -11.41 -6.11
C GLU A 68 23.49 -12.62 -5.25
N LEU A 69 24.36 -12.87 -4.30
CA LEU A 69 24.25 -13.95 -3.35
C LEU A 69 23.10 -13.69 -2.33
N LEU A 70 22.91 -12.42 -1.89
CA LEU A 70 21.82 -12.02 -1.02
C LEU A 70 20.45 -12.32 -1.65
N TYR A 71 20.34 -11.91 -2.94
CA TYR A 71 19.13 -12.07 -3.74
C TYR A 71 18.86 -13.58 -3.97
N ALA A 72 19.92 -14.35 -4.21
CA ALA A 72 19.87 -15.78 -4.43
C ALA A 72 19.46 -16.53 -3.15
N GLU A 73 20.12 -16.21 -2.02
CA GLU A 73 19.79 -16.85 -0.74
C GLU A 73 18.34 -16.54 -0.30
N GLY A 74 17.89 -15.31 -0.55
CA GLY A 74 16.53 -14.86 -0.26
C GLY A 74 16.07 -14.98 1.18
N GLN A 75 17.01 -14.85 2.15
CA GLN A 75 16.68 -14.99 3.57
C GLN A 75 16.91 -13.71 4.32
N HIS A 76 18.08 -13.08 4.19
CA HIS A 76 18.38 -11.83 4.89
C HIS A 76 17.71 -10.63 4.27
N LYS A 77 17.58 -9.56 5.07
CA LYS A 77 17.04 -8.28 4.65
C LYS A 77 18.14 -7.29 5.04
N VAL A 78 18.59 -6.45 4.09
CA VAL A 78 19.63 -5.49 4.43
C VAL A 78 19.11 -4.06 4.38
N LEU A 79 19.24 -3.33 5.51
CA LEU A 79 18.83 -1.94 5.60
C LEU A 79 20.01 -1.04 5.90
N VAL A 80 20.32 -0.15 4.91
CA VAL A 80 21.34 0.86 4.99
C VAL A 80 20.59 2.19 5.22
N VAL A 81 20.91 2.86 6.33
CA VAL A 81 20.29 4.14 6.70
C VAL A 81 21.37 5.22 6.48
N LEU A 82 21.01 6.23 5.68
CA LEU A 82 21.87 7.37 5.43
C LEU A 82 21.22 8.62 6.06
N GLN A 83 22.00 9.27 6.93
CA GLN A 83 21.63 10.52 7.58
C GLN A 83 22.82 11.46 7.41
N ALA A 84 22.52 12.72 7.08
CA ALA A 84 23.51 13.76 6.88
C ALA A 84 22.85 15.12 6.95
N MET A 85 23.65 16.17 7.09
CA MET A 85 23.15 17.54 6.99
C MET A 85 22.90 17.78 5.47
N ASP A 86 22.20 18.88 5.11
CA ASP A 86 21.99 19.20 3.69
C ASP A 86 23.38 19.33 3.03
N ALA A 87 23.53 18.76 1.81
CA ALA A 87 24.77 18.70 1.02
C ALA A 87 25.85 17.85 1.70
N GLY A 88 25.39 16.96 2.60
CA GLY A 88 26.26 16.06 3.35
C GLY A 88 26.72 14.80 2.62
N GLY A 89 26.23 14.60 1.38
CA GLY A 89 26.64 13.49 0.51
C GLY A 89 25.79 12.24 0.46
N LYS A 90 24.52 12.33 0.88
CA LYS A 90 23.64 11.17 0.87
C LYS A 90 23.44 10.60 -0.57
N ASP A 91 23.09 11.47 -1.56
CA ASP A 91 22.84 11.01 -2.92
C ASP A 91 24.10 10.47 -3.65
N GLY A 92 25.24 11.18 -3.49
CA GLY A 92 26.54 10.80 -4.00
C GLY A 92 27.02 9.46 -3.45
N THR A 93 26.68 9.15 -2.19
CA THR A 93 26.98 7.85 -1.59
C THR A 93 26.20 6.75 -2.35
N ILE A 94 24.87 6.88 -2.48
CA ILE A 94 24.03 5.96 -3.20
C ILE A 94 24.59 5.72 -4.60
N ARG A 95 24.80 6.81 -5.35
CA ARG A 95 25.27 6.80 -6.72
C ARG A 95 26.60 6.04 -6.90
N VAL A 96 27.63 6.35 -6.07
CA VAL A 96 28.95 5.75 -6.17
C VAL A 96 29.04 4.35 -5.51
N VAL A 97 28.63 4.22 -4.25
CA VAL A 97 28.71 2.94 -3.55
C VAL A 97 27.94 1.84 -4.25
N PHE A 98 26.72 2.15 -4.73
CA PHE A 98 25.86 1.16 -5.34
C PHE A 98 25.97 1.13 -6.87
N ASP A 99 27.07 1.67 -7.43
CA ASP A 99 27.27 1.66 -8.88
C ASP A 99 27.47 0.25 -9.41
N GLY A 100 26.59 -0.14 -10.33
CA GLY A 100 26.64 -1.44 -11.00
C GLY A 100 25.93 -2.56 -10.29
N VAL A 101 25.45 -2.30 -9.09
CA VAL A 101 24.71 -3.28 -8.27
C VAL A 101 23.33 -3.44 -8.91
N ASN A 102 22.94 -4.72 -9.20
CA ASN A 102 21.70 -5.10 -9.84
C ASN A 102 20.46 -4.38 -9.30
N PRO A 103 19.76 -3.65 -10.20
CA PRO A 103 18.52 -2.92 -9.80
C PRO A 103 17.45 -3.80 -9.21
N SER A 104 17.42 -5.09 -9.61
CA SER A 104 16.42 -6.03 -9.12
C SER A 104 16.52 -6.33 -7.61
N GLY A 105 17.70 -6.10 -7.02
CA GLY A 105 17.99 -6.38 -5.62
C GLY A 105 18.24 -5.17 -4.75
N VAL A 106 18.33 -3.98 -5.35
CA VAL A 106 18.60 -2.78 -4.58
C VAL A 106 17.51 -1.70 -4.84
N ARG A 107 17.04 -1.08 -3.73
CA ARG A 107 15.99 -0.07 -3.70
C ARG A 107 16.28 1.11 -2.75
N VAL A 108 15.95 2.33 -3.21
CA VAL A 108 16.07 3.56 -2.44
C VAL A 108 14.67 4.00 -2.03
N ALA A 109 14.53 4.33 -0.74
CA ALA A 109 13.34 4.88 -0.12
C ALA A 109 13.75 6.24 0.50
N SER A 110 13.20 7.31 -0.04
CA SER A 110 13.48 8.66 0.44
C SER A 110 12.36 9.14 1.35
N PHE A 111 12.76 9.81 2.45
CA PHE A 111 11.78 10.36 3.39
C PHE A 111 11.84 11.88 3.39
N GLY A 112 10.75 12.47 2.90
CA GLY A 112 10.59 13.90 2.79
C GLY A 112 9.61 14.48 3.79
N VAL A 113 9.08 15.67 3.48
CA VAL A 113 8.13 16.35 4.33
C VAL A 113 6.87 15.47 4.43
N PRO A 114 6.48 15.04 5.67
CA PRO A 114 5.29 14.18 5.82
C PRO A 114 4.00 14.78 5.29
N THR A 115 3.19 13.93 4.62
CA THR A 115 1.90 14.32 4.05
C THR A 115 0.88 14.27 5.19
N GLU A 116 -0.35 14.78 4.96
CA GLU A 116 -1.40 14.73 5.96
C GLU A 116 -1.79 13.28 6.25
N GLN A 117 -1.70 12.39 5.26
CA GLN A 117 -2.01 10.96 5.38
C GLN A 117 -0.99 10.32 6.32
N GLU A 118 0.29 10.66 6.13
CA GLU A 118 1.42 10.16 6.91
C GLU A 118 1.37 10.66 8.33
N LEU A 119 0.94 11.93 8.54
CA LEU A 119 0.85 12.53 9.87
C LEU A 119 -0.33 12.01 10.68
N ALA A 120 -1.35 11.47 9.98
CA ALA A 120 -2.58 10.96 10.56
C ALA A 120 -2.39 9.63 11.30
N ARG A 121 -1.20 9.05 11.17
CA ARG A 121 -0.80 7.83 11.83
C ARG A 121 0.53 8.12 12.52
N ASP A 122 1.03 7.20 13.33
CA ASP A 122 2.31 7.39 14.00
C ASP A 122 3.41 7.59 12.96
N TYR A 123 4.47 8.33 13.32
CA TYR A 123 5.65 8.59 12.46
C TYR A 123 6.35 7.31 11.92
N LEU A 124 6.23 6.16 12.60
CA LEU A 124 6.91 4.95 12.12
C LEU A 124 6.15 4.23 10.98
N TRP A 125 4.86 4.52 10.81
CA TRP A 125 3.99 3.93 9.82
C TRP A 125 4.52 4.07 8.39
N ARG A 126 4.92 5.27 7.98
CA ARG A 126 5.43 5.48 6.62
C ARG A 126 6.81 4.79 6.38
N VAL A 127 7.60 4.68 7.45
CA VAL A 127 8.94 4.13 7.47
C VAL A 127 8.86 2.61 7.48
N HIS A 128 8.03 2.04 8.35
CA HIS A 128 7.85 0.59 8.45
C HIS A 128 7.41 0.01 7.09
N GLN A 129 6.55 0.74 6.36
CA GLN A 129 6.06 0.32 5.05
C GLN A 129 7.19 0.05 4.02
N GLN A 130 8.31 0.78 4.11
CA GLN A 130 9.43 0.71 3.17
C GLN A 130 10.57 -0.28 3.54
N VAL A 131 10.50 -0.95 4.71
CA VAL A 131 11.57 -1.86 5.19
C VAL A 131 11.97 -2.92 4.12
N PRO A 132 13.30 -3.29 3.97
CA PRO A 132 13.64 -4.31 2.94
C PRO A 132 12.87 -5.61 3.19
N ARG A 133 12.49 -6.35 2.12
CA ARG A 133 11.86 -7.69 2.17
C ARG A 133 13.09 -8.73 2.12
N LYS A 134 12.80 -10.01 2.30
CA LYS A 134 13.75 -11.11 2.21
C LYS A 134 14.45 -11.07 0.82
N GLY A 135 15.82 -11.07 0.83
CA GLY A 135 16.70 -11.03 -0.35
C GLY A 135 16.97 -9.65 -0.93
N GLU A 136 16.42 -8.59 -0.31
CA GLU A 136 16.50 -7.21 -0.76
C GLU A 136 17.42 -6.36 0.13
N LEU A 137 18.17 -5.44 -0.53
CA LEU A 137 19.00 -4.42 0.10
C LEU A 137 18.28 -3.07 -0.18
N VAL A 138 17.84 -2.40 0.92
CA VAL A 138 17.19 -1.10 0.89
C VAL A 138 18.09 0.00 1.51
N ILE A 139 18.13 1.15 0.82
CA ILE A 139 18.80 2.33 1.32
C ILE A 139 17.70 3.33 1.69
N PHE A 140 17.75 3.84 2.94
CA PHE A 140 16.90 4.90 3.44
C PHE A 140 17.69 6.20 3.29
N ASN A 141 17.23 7.07 2.39
CA ASN A 141 17.80 8.41 2.16
C ASN A 141 16.93 9.33 3.04
N ARG A 142 17.41 9.60 4.28
CA ARG A 142 16.71 10.21 5.41
C ARG A 142 15.83 9.09 5.94
N SER A 143 15.38 9.17 7.18
CA SER A 143 14.65 8.05 7.75
C SER A 143 13.74 8.47 8.86
N HIS A 144 13.34 7.48 9.71
CA HIS A 144 12.56 7.64 10.91
C HIS A 144 13.34 8.55 11.89
N TYR A 145 14.70 8.69 11.70
CA TYR A 145 15.56 9.55 12.55
C TYR A 145 15.19 10.98 12.43
N GLU A 146 14.65 11.35 11.28
CA GLU A 146 14.15 12.71 11.04
C GLU A 146 13.17 13.16 12.13
N ASP A 147 12.43 12.20 12.70
CA ASP A 147 11.42 12.43 13.73
C ASP A 147 12.00 12.71 15.13
N VAL A 148 13.35 12.69 15.23
CA VAL A 148 14.11 13.10 16.41
C VAL A 148 15.17 14.14 15.99
N LEU A 149 15.11 14.57 14.70
CA LEU A 149 16.04 15.55 14.17
C LEU A 149 15.31 16.87 13.83
N VAL A 150 14.80 17.03 12.58
CA VAL A 150 14.07 18.25 12.17
C VAL A 150 12.87 18.50 13.11
N VAL A 151 12.18 17.41 13.53
CA VAL A 151 11.04 17.47 14.47
C VAL A 151 11.48 18.10 15.82
N ARG A 152 12.65 17.69 16.35
CA ARG A 152 13.24 18.18 17.60
C ARG A 152 13.71 19.64 17.46
N VAL A 153 14.51 19.93 16.41
CA VAL A 153 15.12 21.24 16.13
C VAL A 153 14.03 22.35 15.93
N LYS A 154 12.99 22.04 15.14
CA LYS A 154 11.91 22.96 14.80
C LYS A 154 10.69 22.85 15.72
N ASN A 155 10.79 21.96 16.74
CA ASN A 155 9.75 21.69 17.74
C ASN A 155 8.39 21.52 17.09
N LEU A 156 8.32 20.54 16.17
CA LEU A 156 7.13 20.19 15.41
C LEU A 156 6.13 19.41 16.28
N VAL A 157 6.67 18.84 17.37
CA VAL A 157 5.99 18.16 18.49
C VAL A 157 6.77 18.61 19.77
N PRO A 158 6.17 18.60 20.99
CA PRO A 158 6.95 19.03 22.16
C PRO A 158 7.95 17.97 22.62
N GLN A 159 8.94 18.38 23.43
CA GLN A 159 10.01 17.54 24.00
C GLN A 159 9.44 16.27 24.64
N GLN A 160 8.32 16.42 25.38
CA GLN A 160 7.53 15.41 26.07
C GLN A 160 7.27 14.23 25.12
N VAL A 161 6.98 14.56 23.85
CA VAL A 161 6.67 13.59 22.82
C VAL A 161 7.93 13.04 22.14
N TRP A 162 8.80 13.89 21.53
CA TRP A 162 9.95 13.38 20.81
C TRP A 162 11.01 12.69 21.70
N GLN A 163 11.03 12.96 23.02
CA GLN A 163 11.96 12.32 23.95
C GLN A 163 11.75 10.80 24.04
N LYS A 164 10.49 10.36 24.00
CA LYS A 164 10.07 8.96 24.09
C LYS A 164 10.42 8.20 22.82
N ARG A 165 10.64 8.94 21.70
CA ARG A 165 10.92 8.33 20.38
C ARG A 165 12.23 7.54 20.31
N TYR A 166 13.23 7.90 21.13
CA TYR A 166 14.52 7.20 21.15
C TYR A 166 14.32 5.71 21.47
N ARG A 167 13.46 5.44 22.50
CA ARG A 167 13.11 4.10 22.95
C ARG A 167 12.37 3.37 21.86
N HIS A 168 11.40 4.05 21.23
CA HIS A 168 10.60 3.51 20.13
C HIS A 168 11.54 3.01 19.06
N ILE A 169 12.49 3.89 18.63
CA ILE A 169 13.49 3.61 17.60
C ILE A 169 14.33 2.37 17.94
N ARG A 170 14.89 2.31 19.18
CA ARG A 170 15.69 1.17 19.65
C ARG A 170 14.91 -0.15 19.53
N GLU A 171 13.68 -0.12 20.00
CA GLU A 171 12.79 -1.27 20.05
C GLU A 171 12.27 -1.70 18.68
N PHE A 172 11.99 -0.73 17.78
CA PHE A 172 11.55 -1.00 16.44
C PHE A 172 12.72 -1.68 15.63
N GLU A 173 13.96 -1.20 15.83
CA GLU A 173 15.12 -1.75 15.19
C GLU A 173 15.49 -3.12 15.79
N ARG A 174 15.20 -3.34 17.09
CA ARG A 174 15.45 -4.63 17.75
C ARG A 174 14.58 -5.66 17.08
N MET A 175 13.30 -5.31 16.93
CA MET A 175 12.27 -6.13 16.27
C MET A 175 12.72 -6.47 14.83
N LEU A 176 13.16 -5.45 14.04
CA LEU A 176 13.60 -5.67 12.65
C LEU A 176 14.80 -6.62 12.61
N ALA A 177 15.79 -6.39 13.47
CA ALA A 177 16.99 -7.23 13.53
C ALA A 177 16.66 -8.67 13.97
N ASP A 178 15.89 -8.83 15.03
CA ASP A 178 15.49 -10.14 15.56
C ASP A 178 14.78 -10.96 14.52
N GLU A 179 14.02 -10.29 13.64
CA GLU A 179 13.22 -10.91 12.60
C GLU A 179 13.97 -11.06 11.25
N GLY A 180 15.25 -10.77 11.24
CA GLY A 180 16.11 -11.02 10.08
C GLY A 180 16.69 -9.88 9.28
N THR A 181 16.66 -8.63 9.83
CA THR A 181 17.23 -7.48 9.10
C THR A 181 18.60 -7.12 9.64
N THR A 182 19.57 -7.00 8.73
CA THR A 182 20.91 -6.51 9.05
C THR A 182 20.80 -4.98 8.86
N ILE A 183 21.05 -4.23 9.94
CA ILE A 183 20.91 -2.77 9.94
C ILE A 183 22.26 -2.05 10.03
N LEU A 184 22.51 -1.19 9.05
CA LEU A 184 23.72 -0.38 8.99
C LEU A 184 23.29 1.08 8.98
N LYS A 185 23.73 1.85 9.99
CA LYS A 185 23.37 3.27 10.02
C LYS A 185 24.59 4.08 9.86
N PHE A 186 24.58 4.95 8.82
CA PHE A 186 25.69 5.83 8.48
C PHE A 186 25.35 7.29 8.68
N PHE A 187 26.16 7.97 9.53
CA PHE A 187 26.07 9.41 9.70
C PHE A 187 27.21 10.02 8.90
N LEU A 188 26.86 10.76 7.83
CA LEU A 188 27.85 11.38 6.94
C LEU A 188 28.18 12.74 7.51
N HIS A 189 29.30 12.78 8.24
CA HIS A 189 29.76 13.94 8.99
C HIS A 189 30.61 14.92 8.18
N ILE A 190 30.03 16.08 7.86
CA ILE A 190 30.69 17.18 7.17
C ILE A 190 30.83 18.38 8.10
N SER A 191 31.80 19.26 7.82
CA SER A 191 32.03 20.48 8.61
C SER A 191 31.09 21.59 8.15
N LYS A 192 30.87 22.60 9.01
CA LYS A 192 30.01 23.74 8.70
C LYS A 192 30.58 24.47 7.46
N ASP A 193 31.92 24.63 7.42
CA ASP A 193 32.65 25.27 6.33
C ASP A 193 32.52 24.53 5.01
N GLU A 194 32.60 23.19 5.02
CA GLU A 194 32.44 22.35 3.83
C GLU A 194 31.04 22.50 3.25
N GLN A 195 30.00 22.53 4.12
CA GLN A 195 28.60 22.71 3.70
C GLN A 195 28.43 24.04 3.00
N ARG A 196 29.08 25.12 3.52
CA ARG A 196 29.03 26.46 2.96
C ARG A 196 29.54 26.46 1.51
N GLN A 197 30.62 25.72 1.26
CA GLN A 197 31.24 25.62 -0.07
C GLN A 197 30.32 24.84 -1.03
N ARG A 198 29.81 23.67 -0.58
CA ARG A 198 28.95 22.78 -1.36
C ARG A 198 27.64 23.43 -1.75
N LEU A 199 27.06 24.21 -0.81
CA LEU A 199 25.82 24.93 -1.01
C LEU A 199 26.04 26.06 -1.97
N GLN A 200 27.22 26.69 -1.92
CA GLN A 200 27.59 27.74 -2.87
C GLN A 200 27.80 27.15 -4.25
N GLU A 201 28.44 25.96 -4.31
CA GLU A 201 28.72 25.23 -5.56
C GLU A 201 27.40 24.76 -6.19
N ARG A 202 26.36 24.54 -5.36
CA ARG A 202 25.03 24.15 -5.80
C ARG A 202 24.38 25.35 -6.52
N LEU A 203 24.50 26.57 -5.93
CA LEU A 203 23.95 27.83 -6.46
C LEU A 203 24.64 28.28 -7.75
N ASP A 204 25.82 27.72 -8.02
CA ASP A 204 26.57 28.11 -9.21
C ASP A 204 26.45 27.07 -10.36
N ASN A 205 26.26 25.78 -10.03
CA ASN A 205 26.11 24.71 -11.04
C ASN A 205 24.67 24.63 -11.62
N PRO A 206 24.48 24.85 -12.95
CA PRO A 206 23.14 24.82 -13.54
C PRO A 206 22.40 23.48 -13.47
N GLU A 207 23.17 22.39 -13.38
CA GLU A 207 22.62 21.04 -13.32
C GLU A 207 22.35 20.61 -11.85
N LYS A 208 22.65 21.53 -10.89
CA LYS A 208 22.54 21.34 -9.44
C LYS A 208 21.65 22.38 -8.74
N ARG A 209 21.55 23.62 -9.33
CA ARG A 209 20.75 24.76 -8.86
C ARG A 209 19.30 24.36 -8.49
N TRP A 210 18.75 23.37 -9.21
CA TRP A 210 17.41 22.83 -8.97
C TRP A 210 17.25 22.17 -7.57
N LYS A 211 18.35 21.60 -7.02
CA LYS A 211 18.34 20.96 -5.69
C LYS A 211 18.18 22.00 -4.57
N PHE A 212 18.57 23.27 -4.85
CA PHE A 212 18.48 24.34 -3.87
C PHE A 212 17.06 24.82 -3.58
N ARG A 213 16.70 24.82 -2.28
CA ARG A 213 15.44 25.34 -1.74
C ARG A 213 15.83 26.37 -0.67
N MET A 214 14.97 27.38 -0.44
CA MET A 214 15.29 28.43 0.53
C MET A 214 15.57 27.89 1.94
N GLY A 215 14.89 26.79 2.29
CA GLY A 215 15.03 26.09 3.56
C GLY A 215 16.45 25.64 3.87
N ASP A 216 17.25 25.34 2.80
CA ASP A 216 18.67 24.93 2.89
C ASP A 216 19.51 25.97 3.66
N LEU A 217 19.12 27.26 3.55
CA LEU A 217 19.70 28.41 4.21
C LEU A 217 19.19 28.58 5.65
N GLU A 218 17.85 28.44 5.87
CA GLU A 218 17.22 28.54 7.20
C GLU A 218 17.74 27.42 8.13
N ASP A 219 17.88 26.22 7.59
CA ASP A 219 18.43 25.10 8.33
C ASP A 219 19.91 25.30 8.65
N ARG A 220 20.65 26.06 7.79
CA ARG A 220 22.08 26.36 8.00
C ARG A 220 22.27 27.28 9.22
N ARG A 221 21.28 28.13 9.50
CA ARG A 221 21.29 29.01 10.67
C ARG A 221 21.17 28.14 11.95
N LEU A 222 20.49 26.97 11.82
CA LEU A 222 20.25 25.98 12.86
C LEU A 222 21.30 24.87 12.88
N TRP A 223 22.52 25.16 12.41
CA TRP A 223 23.60 24.18 12.35
C TRP A 223 23.85 23.46 13.69
N ASP A 224 24.11 24.24 14.77
CA ASP A 224 24.48 23.76 16.09
C ASP A 224 23.40 22.92 16.74
N ARG A 225 22.13 23.36 16.63
CA ARG A 225 20.96 22.68 17.16
C ARG A 225 20.84 21.33 16.44
N TYR A 226 21.15 21.31 15.14
CA TYR A 226 21.14 20.07 14.35
C TYR A 226 22.26 19.13 14.78
N GLN A 227 23.44 19.68 15.07
CA GLN A 227 24.61 18.93 15.50
C GLN A 227 24.34 18.31 16.87
N GLU A 228 23.75 19.11 17.80
CA GLU A 228 23.34 18.66 19.14
C GLU A 228 22.28 17.53 18.98
N ALA A 229 21.29 17.72 18.04
CA ALA A 229 20.27 16.73 17.71
C ALA A 229 20.88 15.40 17.19
N TYR A 230 21.96 15.47 16.39
CA TYR A 230 22.63 14.26 15.86
C TYR A 230 23.39 13.54 16.96
N GLU A 231 24.13 14.29 17.82
CA GLU A 231 24.85 13.68 18.93
C GLU A 231 23.91 12.95 19.86
N ALA A 232 22.74 13.53 20.15
CA ALA A 232 21.74 12.88 21.01
C ALA A 232 21.15 11.59 20.39
N ALA A 233 20.76 11.59 19.09
CA ALA A 233 20.16 10.43 18.39
C ALA A 233 21.16 9.29 18.29
N ILE A 234 22.40 9.59 17.90
CA ILE A 234 23.45 8.59 17.79
C ILE A 234 23.75 7.94 19.16
N ARG A 235 23.90 8.78 20.21
CA ARG A 235 24.17 8.33 21.58
C ARG A 235 23.06 7.38 22.06
N GLU A 236 21.80 7.71 21.75
CA GLU A 236 20.61 6.98 22.19
C GLU A 236 20.27 5.74 21.37
N THR A 237 20.61 5.72 20.07
CA THR A 237 20.17 4.63 19.22
C THR A 237 21.26 3.72 18.64
N SER A 238 22.56 4.00 18.92
CA SER A 238 23.58 3.09 18.42
C SER A 238 23.61 1.88 19.35
N THR A 239 23.24 0.71 18.82
CA THR A 239 23.16 -0.55 19.58
C THR A 239 23.99 -1.64 18.90
N GLU A 240 24.09 -2.84 19.52
CA GLU A 240 24.82 -3.95 18.92
C GLU A 240 24.10 -4.41 17.68
N TYR A 241 22.76 -4.48 17.74
CA TYR A 241 21.92 -4.94 16.62
C TYR A 241 21.75 -3.89 15.56
N ALA A 242 21.90 -2.61 15.94
CA ALA A 242 21.79 -1.51 14.97
C ALA A 242 22.82 -0.43 15.29
N PRO A 243 24.10 -0.62 14.84
CA PRO A 243 25.13 0.36 15.13
C PRO A 243 25.10 1.57 14.22
N TRP A 244 25.65 2.68 14.74
CA TRP A 244 25.85 3.91 14.00
C TRP A 244 27.34 3.97 13.67
N TYR A 245 27.65 4.40 12.42
CA TYR A 245 29.02 4.64 12.00
C TYR A 245 29.06 6.10 11.63
N VAL A 246 30.04 6.81 12.19
CA VAL A 246 30.28 8.24 11.94
C VAL A 246 31.34 8.25 10.86
N ILE A 247 30.95 8.61 9.64
CA ILE A 247 31.81 8.65 8.47
C ILE A 247 32.34 10.09 8.27
N PRO A 248 33.68 10.35 8.40
CA PRO A 248 34.21 11.69 8.04
C PRO A 248 33.91 11.89 6.55
N ALA A 249 32.95 12.76 6.21
CA ALA A 249 32.45 12.91 4.85
C ALA A 249 32.87 14.15 4.10
N ASN A 250 33.84 14.94 4.62
CA ASN A 250 34.37 16.12 3.92
C ASN A 250 35.01 15.72 2.59
N LYS A 251 35.74 14.57 2.55
CA LYS A 251 36.37 14.05 1.32
C LYS A 251 35.51 12.92 0.76
N ASN A 252 34.89 13.15 -0.42
CA ASN A 252 33.99 12.21 -1.12
C ASN A 252 34.59 10.85 -1.32
N TRP A 253 35.87 10.81 -1.78
CA TRP A 253 36.61 9.58 -2.03
C TRP A 253 36.77 8.75 -0.76
N TYR A 254 36.93 9.39 0.40
CA TYR A 254 37.14 8.69 1.66
C TYR A 254 35.82 8.19 2.19
N ARG A 255 34.78 9.02 2.02
CA ARG A 255 33.41 8.72 2.42
C ARG A 255 32.94 7.47 1.69
N ASN A 256 33.09 7.46 0.36
CA ASN A 256 32.67 6.35 -0.52
C ASN A 256 33.44 5.05 -0.23
N TRP A 257 34.75 5.13 -0.05
CA TRP A 257 35.55 3.95 0.24
C TRP A 257 35.16 3.32 1.63
N LEU A 258 35.04 4.16 2.66
CA LEU A 258 34.76 3.74 4.02
C LEU A 258 33.35 3.14 4.18
N VAL A 259 32.34 3.72 3.51
CA VAL A 259 31.00 3.14 3.59
C VAL A 259 31.02 1.78 2.86
N SER A 260 31.66 1.75 1.67
CA SER A 260 31.81 0.51 0.90
C SER A 260 32.49 -0.59 1.73
N HIS A 261 33.61 -0.25 2.39
CA HIS A 261 34.33 -1.18 3.24
C HIS A 261 33.47 -1.74 4.37
N ILE A 262 32.75 -0.85 5.10
CA ILE A 262 31.89 -1.23 6.20
C ILE A 262 30.76 -2.14 5.72
N LEU A 263 30.09 -1.77 4.62
CA LEU A 263 29.01 -2.57 4.08
C LEU A 263 29.48 -3.96 3.64
N VAL A 264 30.56 -3.99 2.84
CA VAL A 264 31.15 -5.22 2.31
C VAL A 264 31.51 -6.18 3.46
N GLU A 265 32.29 -5.69 4.45
CA GLU A 265 32.66 -6.48 5.62
C GLU A 265 31.39 -7.05 6.34
N THR A 266 30.37 -6.20 6.60
CA THR A 266 29.12 -6.64 7.25
C THR A 266 28.43 -7.77 6.46
N LEU A 267 28.32 -7.60 5.15
CA LEU A 267 27.73 -8.59 4.24
C LEU A 267 28.51 -9.86 4.13
N GLU A 268 29.84 -9.77 4.24
CA GLU A 268 30.75 -10.91 4.22
C GLU A 268 30.47 -11.73 5.48
N GLY A 269 30.29 -11.03 6.61
CA GLY A 269 30.02 -11.62 7.93
C GLY A 269 28.78 -12.47 7.99
N LEU A 270 27.83 -12.25 7.06
CA LEU A 270 26.61 -13.04 6.99
C LEU A 270 26.81 -14.44 6.48
N ALA A 271 28.00 -14.76 5.86
CA ALA A 271 28.36 -16.08 5.31
C ALA A 271 27.17 -16.71 4.57
N MET A 272 26.62 -15.92 3.65
CA MET A 272 25.51 -16.26 2.78
C MET A 272 25.87 -17.38 1.84
N GLN A 273 24.94 -18.34 1.69
CA GLN A 273 25.16 -19.50 0.84
C GLN A 273 24.05 -19.63 -0.19
N TYR A 274 24.35 -20.19 -1.37
CA TYR A 274 23.36 -20.48 -2.42
C TYR A 274 22.38 -21.59 -1.98
N PRO A 275 21.07 -21.49 -2.29
CA PRO A 275 20.10 -22.51 -1.87
C PRO A 275 20.45 -23.96 -2.23
N GLN A 276 19.90 -24.91 -1.43
CA GLN A 276 20.12 -26.32 -1.65
C GLN A 276 19.39 -26.81 -2.93
N PRO A 277 20.13 -27.36 -3.93
CA PRO A 277 19.47 -27.85 -5.18
C PRO A 277 18.36 -28.87 -4.95
N MET B 21 -15.88 -3.45 37.79
CA MET B 21 -16.05 -3.86 36.39
C MET B 21 -14.72 -4.13 35.71
N LYS B 22 -13.63 -3.65 36.36
CA LYS B 22 -12.27 -3.85 35.89
C LYS B 22 -11.59 -4.96 36.69
N LYS B 23 -12.46 -5.87 37.15
CA LYS B 23 -12.19 -7.21 37.68
C LYS B 23 -11.72 -8.08 36.47
N TYR B 24 -12.02 -7.61 35.21
CA TYR B 24 -11.67 -8.23 33.94
C TYR B 24 -10.42 -7.64 33.29
N ARG B 25 -9.93 -6.47 33.78
CA ARG B 25 -8.69 -5.87 33.28
C ARG B 25 -7.54 -6.63 33.88
N VAL B 26 -6.64 -7.12 33.01
CA VAL B 26 -5.47 -7.88 33.44
C VAL B 26 -4.32 -6.94 33.86
N GLN B 27 -4.08 -6.87 35.17
CA GLN B 27 -3.06 -6.03 35.79
C GLN B 27 -1.66 -6.31 35.24
N PRO B 28 -0.81 -5.26 35.08
CA PRO B 28 0.55 -5.51 34.54
C PRO B 28 1.55 -6.03 35.57
N ASP B 29 1.13 -7.02 36.39
CA ASP B 29 1.98 -7.61 37.43
C ASP B 29 2.69 -8.93 37.00
N GLY B 30 2.45 -9.41 35.77
CA GLY B 30 3.01 -10.65 35.24
C GLY B 30 2.79 -11.85 36.15
N ARG B 31 1.56 -11.95 36.72
CA ARG B 31 1.13 -12.97 37.69
C ARG B 31 -0.32 -13.46 37.37
N PHE B 32 -0.78 -13.26 36.13
CA PHE B 32 -2.09 -13.67 35.66
C PHE B 32 -2.09 -15.19 35.43
N GLU B 33 -3.25 -15.80 35.69
CA GLU B 33 -3.61 -17.20 35.50
C GLU B 33 -5.00 -17.14 34.88
N LEU B 34 -5.18 -17.85 33.75
CA LEU B 34 -6.44 -17.88 33.01
C LEU B 34 -7.51 -18.59 33.83
N LYS B 35 -7.05 -19.60 34.60
CA LYS B 35 -7.71 -20.47 35.58
C LYS B 35 -8.75 -19.69 36.34
N ARG B 36 -8.34 -18.49 36.82
CA ARG B 36 -9.15 -17.53 37.59
C ARG B 36 -10.38 -16.96 36.83
N PHE B 37 -10.47 -17.20 35.53
CA PHE B 37 -11.57 -16.69 34.71
C PHE B 37 -12.44 -17.80 34.17
N ASP B 38 -13.73 -17.74 34.46
CA ASP B 38 -14.69 -18.74 34.03
C ASP B 38 -15.45 -18.23 32.82
N PRO B 39 -15.40 -18.96 31.68
CA PRO B 39 -16.21 -18.52 30.50
C PRO B 39 -17.68 -18.33 30.79
N ASP B 40 -18.22 -19.07 31.79
CA ASP B 40 -19.64 -19.01 32.15
C ASP B 40 -20.01 -17.91 33.15
N ASP B 41 -19.02 -17.18 33.66
CA ASP B 41 -19.22 -16.07 34.61
C ASP B 41 -20.03 -14.91 34.03
N THR B 42 -21.03 -14.44 34.80
CA THR B 42 -21.92 -13.32 34.44
C THR B 42 -22.10 -12.38 35.65
N SER B 43 -21.20 -12.47 36.64
CA SER B 43 -21.28 -11.73 37.91
C SER B 43 -21.30 -10.20 37.79
N ALA B 44 -20.76 -9.60 36.71
CA ALA B 44 -20.79 -8.13 36.60
C ALA B 44 -22.17 -7.55 36.19
N PHE B 45 -23.12 -8.42 35.75
CA PHE B 45 -24.47 -7.98 35.41
C PHE B 45 -25.52 -8.59 36.35
N GLU B 46 -26.29 -7.70 37.01
CA GLU B 46 -27.29 -8.09 37.96
C GLU B 46 -28.61 -8.38 37.28
N GLY B 47 -28.61 -9.49 36.58
CA GLY B 47 -29.80 -9.95 35.89
C GLY B 47 -29.47 -10.90 34.78
N GLY B 48 -30.44 -11.06 33.89
CA GLY B 48 -30.32 -11.97 32.78
C GLY B 48 -30.31 -11.31 31.43
N LYS B 49 -30.56 -12.14 30.41
CA LYS B 49 -30.59 -11.75 29.02
C LYS B 49 -31.52 -10.56 28.74
N GLN B 50 -32.84 -10.69 28.94
CA GLN B 50 -33.80 -9.60 28.67
C GLN B 50 -33.34 -8.22 29.19
N ALA B 51 -32.91 -8.14 30.48
CA ALA B 51 -32.41 -6.91 31.10
C ALA B 51 -31.09 -6.42 30.45
N ALA B 52 -30.16 -7.39 30.16
CA ALA B 52 -28.85 -7.08 29.57
C ALA B 52 -28.95 -6.51 28.17
N LEU B 53 -29.95 -6.98 27.39
CA LEU B 53 -30.24 -6.53 26.03
C LEU B 53 -30.66 -5.05 26.06
N GLU B 54 -31.48 -4.68 27.06
CA GLU B 54 -31.94 -3.31 27.28
C GLU B 54 -30.72 -2.44 27.58
N ALA B 55 -29.86 -2.90 28.51
CA ALA B 55 -28.64 -2.23 28.94
C ALA B 55 -27.68 -1.97 27.78
N LEU B 56 -27.55 -2.97 26.87
CA LEU B 56 -26.71 -2.94 25.67
C LEU B 56 -27.23 -1.90 24.68
N ALA B 57 -28.54 -1.82 24.53
CA ALA B 57 -29.21 -0.86 23.66
C ALA B 57 -28.88 0.59 24.05
N VAL B 58 -28.79 0.85 25.39
CA VAL B 58 -28.42 2.14 25.96
C VAL B 58 -26.94 2.46 25.64
N LEU B 59 -26.03 1.49 25.89
CA LEU B 59 -24.60 1.62 25.64
C LEU B 59 -24.30 1.78 24.14
N ASN B 60 -25.09 1.10 23.28
CA ASN B 60 -24.91 1.20 21.83
C ASN B 60 -25.18 2.61 21.32
N ARG B 61 -26.18 3.27 21.90
CA ARG B 61 -26.55 4.62 21.53
C ARG B 61 -25.42 5.61 21.96
N ARG B 62 -24.83 5.36 23.15
CA ARG B 62 -23.74 6.16 23.68
C ARG B 62 -22.52 5.95 22.81
N LEU B 63 -22.29 4.68 22.39
CA LEU B 63 -21.18 4.33 21.51
C LEU B 63 -21.31 5.10 20.18
N GLU B 64 -22.52 5.10 19.58
CA GLU B 64 -22.80 5.80 18.33
C GLU B 64 -22.42 7.26 18.47
N LYS B 65 -22.85 7.93 19.57
CA LYS B 65 -22.55 9.33 19.85
C LYS B 65 -21.06 9.56 20.07
N LEU B 66 -20.39 8.69 20.84
CA LEU B 66 -18.96 8.78 21.12
C LEU B 66 -18.10 8.63 19.87
N GLN B 67 -18.52 7.78 18.91
CA GLN B 67 -17.82 7.63 17.63
C GLN B 67 -17.97 8.93 16.83
N GLU B 68 -19.19 9.49 16.82
CA GLU B 68 -19.49 10.74 16.13
C GLU B 68 -18.55 11.85 16.59
N LEU B 69 -18.31 11.92 17.92
CA LEU B 69 -17.39 12.87 18.55
C LEU B 69 -15.96 12.61 18.13
N LEU B 70 -15.54 11.34 18.11
CA LEU B 70 -14.19 10.90 17.72
C LEU B 70 -13.81 11.36 16.32
N TYR B 71 -14.71 11.10 15.37
CA TYR B 71 -14.58 11.44 13.96
C TYR B 71 -14.56 12.95 13.79
N ALA B 72 -15.37 13.65 14.54
CA ALA B 72 -15.43 15.09 14.47
C ALA B 72 -14.21 15.76 15.09
N GLU B 73 -13.74 15.27 16.26
CA GLU B 73 -12.58 15.83 16.93
C GLU B 73 -11.31 15.58 16.07
N GLY B 74 -11.23 14.40 15.44
CA GLY B 74 -10.16 14.02 14.53
C GLY B 74 -8.76 14.04 15.12
N GLN B 75 -8.62 13.72 16.43
CA GLN B 75 -7.33 13.71 17.09
C GLN B 75 -6.92 12.33 17.55
N HIS B 76 -7.81 11.62 18.28
CA HIS B 76 -7.50 10.27 18.80
C HIS B 76 -7.59 9.19 17.77
N LYS B 77 -6.88 8.06 18.03
CA LYS B 77 -6.93 6.87 17.18
C LYS B 77 -7.37 5.75 18.11
N VAL B 78 -8.43 5.00 17.74
CA VAL B 78 -8.93 3.95 18.62
C VAL B 78 -8.70 2.59 18.02
N LEU B 79 -7.98 1.73 18.74
CA LEU B 79 -7.72 0.36 18.29
C LEU B 79 -8.31 -0.67 19.25
N VAL B 80 -9.29 -1.42 18.75
CA VAL B 80 -9.96 -2.51 19.45
C VAL B 80 -9.40 -3.80 18.84
N VAL B 81 -8.78 -4.63 19.68
CA VAL B 81 -8.20 -5.90 19.24
C VAL B 81 -9.10 -7.00 19.79
N LEU B 82 -9.58 -7.88 18.87
CA LEU B 82 -10.38 -9.04 19.24
C LEU B 82 -9.57 -10.32 18.96
N GLN B 83 -9.42 -11.12 20.00
CA GLN B 83 -8.75 -12.41 19.97
C GLN B 83 -9.69 -13.41 20.64
N ALA B 84 -9.82 -14.59 20.05
CA ALA B 84 -10.65 -15.68 20.56
C ALA B 84 -10.24 -16.98 19.91
N MET B 85 -10.68 -18.10 20.50
CA MET B 85 -10.53 -19.42 19.90
C MET B 85 -11.54 -19.45 18.70
N ASP B 86 -11.42 -20.44 17.81
CA ASP B 86 -12.37 -20.51 16.71
C ASP B 86 -13.76 -20.73 17.27
N ALA B 87 -14.75 -19.96 16.77
CA ALA B 87 -16.17 -19.92 17.22
C ALA B 87 -16.29 -19.22 18.59
N GLY B 88 -15.29 -18.40 18.92
CA GLY B 88 -15.21 -17.65 20.16
C GLY B 88 -15.99 -16.36 20.20
N GLY B 89 -16.61 -15.96 19.07
CA GLY B 89 -17.47 -14.78 19.02
C GLY B 89 -16.94 -13.47 18.46
N LYS B 90 -15.85 -13.50 17.64
CA LYS B 90 -15.22 -12.34 17.00
C LYS B 90 -16.19 -11.60 16.05
N ASP B 91 -16.73 -12.29 15.02
CA ASP B 91 -17.68 -11.71 14.06
C ASP B 91 -18.93 -11.18 14.76
N GLY B 92 -19.45 -11.96 15.72
CA GLY B 92 -20.62 -11.62 16.51
C GLY B 92 -20.47 -10.35 17.33
N THR B 93 -19.28 -10.15 17.92
CA THR B 93 -18.98 -8.96 18.70
C THR B 93 -19.01 -7.71 17.79
N ILE B 94 -18.27 -7.73 16.68
CA ILE B 94 -18.22 -6.63 15.71
C ILE B 94 -19.62 -6.26 15.29
N ARG B 95 -20.38 -7.25 14.83
CA ARG B 95 -21.74 -7.09 14.31
C ARG B 95 -22.68 -6.46 15.32
N VAL B 96 -22.71 -6.96 16.57
CA VAL B 96 -23.63 -6.47 17.61
C VAL B 96 -23.12 -5.18 18.31
N VAL B 97 -21.88 -5.16 18.81
CA VAL B 97 -21.34 -3.99 19.52
C VAL B 97 -21.33 -2.75 18.64
N PHE B 98 -20.93 -2.91 17.36
CA PHE B 98 -20.80 -1.77 16.48
C PHE B 98 -22.02 -1.53 15.60
N ASP B 99 -23.17 -2.12 15.95
CA ASP B 99 -24.43 -1.94 15.21
C ASP B 99 -24.89 -0.49 15.23
N GLY B 100 -25.04 0.09 14.03
CA GLY B 100 -25.52 1.45 13.83
C GLY B 100 -24.47 2.53 13.88
N VAL B 101 -23.22 2.15 14.21
CA VAL B 101 -22.09 3.06 14.27
C VAL B 101 -21.71 3.38 12.79
N ASN B 102 -21.55 4.69 12.48
CA ASN B 102 -21.22 5.23 11.16
C ASN B 102 -20.06 4.51 10.47
N PRO B 103 -20.34 3.94 9.27
CA PRO B 103 -19.31 3.22 8.51
C PRO B 103 -18.09 4.07 8.14
N SER B 104 -18.29 5.39 8.02
CA SER B 104 -17.21 6.31 7.64
C SER B 104 -16.14 6.45 8.74
N GLY B 105 -16.51 6.14 9.98
CA GLY B 105 -15.62 6.26 11.13
C GLY B 105 -15.17 4.95 11.75
N VAL B 106 -15.70 3.81 11.25
CA VAL B 106 -15.34 2.50 11.81
C VAL B 106 -14.88 1.55 10.67
N ARG B 107 -13.79 0.80 10.96
CA ARG B 107 -13.16 -0.12 10.02
C ARG B 107 -12.70 -1.43 10.68
N VAL B 108 -12.94 -2.54 9.97
CA VAL B 108 -12.48 -3.87 10.39
C VAL B 108 -11.29 -4.27 9.51
N ALA B 109 -10.23 -4.76 10.18
CA ALA B 109 -9.03 -5.30 9.56
C ALA B 109 -8.86 -6.74 10.06
N SER B 110 -8.99 -7.72 9.15
CA SER B 110 -8.86 -9.13 9.51
C SER B 110 -7.48 -9.65 9.15
N PHE B 111 -6.92 -10.47 10.08
CA PHE B 111 -5.62 -11.08 9.85
C PHE B 111 -5.75 -12.57 9.69
N GLY B 112 -5.50 -13.04 8.47
CA GLY B 112 -5.60 -14.43 8.11
C GLY B 112 -4.25 -15.08 7.91
N VAL B 113 -4.24 -16.17 7.13
CA VAL B 113 -3.01 -16.88 6.81
C VAL B 113 -2.11 -15.91 6.02
N PRO B 114 -0.87 -15.64 6.54
CA PRO B 114 0.06 -14.74 5.83
C PRO B 114 0.41 -15.18 4.42
N THR B 115 0.46 -14.20 3.49
CA THR B 115 0.86 -14.43 2.08
C THR B 115 2.36 -14.39 2.01
N GLU B 116 2.93 -14.77 0.86
CA GLU B 116 4.38 -14.78 0.66
C GLU B 116 4.96 -13.37 0.77
N GLN B 117 4.19 -12.37 0.36
CA GLN B 117 4.57 -10.95 0.41
C GLN B 117 4.68 -10.54 1.87
N GLU B 118 3.66 -10.94 2.65
CA GLU B 118 3.55 -10.70 4.08
C GLU B 118 4.69 -11.36 4.87
N LEU B 119 5.03 -12.59 4.51
CA LEU B 119 6.10 -13.35 5.18
C LEU B 119 7.50 -12.86 4.87
N ALA B 120 7.66 -12.16 3.72
CA ALA B 120 8.92 -11.59 3.20
C ALA B 120 9.36 -10.36 4.00
N ARG B 121 8.50 -9.84 4.89
CA ARG B 121 8.83 -8.74 5.80
C ARG B 121 8.52 -9.25 7.20
N ASP B 122 9.02 -8.55 8.26
CA ASP B 122 8.73 -8.90 9.66
C ASP B 122 7.20 -9.01 9.85
N TYR B 123 6.77 -9.82 10.81
CA TYR B 123 5.36 -10.07 11.13
C TYR B 123 4.57 -8.80 11.50
N LEU B 124 5.24 -7.72 11.93
CA LEU B 124 4.51 -6.54 12.33
C LEU B 124 4.16 -5.62 11.13
N TRP B 125 4.82 -5.80 10.01
CA TRP B 125 4.66 -5.02 8.80
C TRP B 125 3.20 -5.03 8.30
N ARG B 126 2.57 -6.19 8.20
CA ARG B 126 1.18 -6.24 7.71
C ARG B 126 0.17 -5.62 8.68
N VAL B 127 0.47 -5.72 9.99
CA VAL B 127 -0.35 -5.26 11.08
C VAL B 127 -0.20 -3.74 11.21
N HIS B 128 1.05 -3.23 11.21
CA HIS B 128 1.31 -1.80 11.31
C HIS B 128 0.57 -1.02 10.18
N GLN B 129 0.52 -1.60 8.97
CA GLN B 129 -0.15 -1.01 7.82
C GLN B 129 -1.66 -0.69 8.07
N GLN B 130 -2.32 -1.48 8.95
CA GLN B 130 -3.76 -1.36 9.21
C GLN B 130 -4.14 -0.51 10.45
N VAL B 131 -3.15 0.05 11.17
CA VAL B 131 -3.40 0.81 12.42
C VAL B 131 -4.41 1.97 12.21
N PRO B 132 -5.25 2.35 13.22
CA PRO B 132 -6.16 3.49 13.00
C PRO B 132 -5.46 4.84 12.79
N ARG B 133 -6.05 5.66 11.90
CA ARG B 133 -5.56 7.02 11.68
C ARG B 133 -6.35 7.94 12.70
N LYS B 134 -6.01 9.25 12.73
CA LYS B 134 -6.68 10.22 13.59
C LYS B 134 -8.17 10.28 13.25
N GLY B 135 -9.03 10.21 14.27
CA GLY B 135 -10.49 10.22 14.14
C GLY B 135 -11.15 8.91 13.79
N GLU B 136 -10.37 7.83 13.66
CA GLU B 136 -10.80 6.51 13.24
C GLU B 136 -10.79 5.49 14.37
N LEU B 137 -11.82 4.60 14.39
CA LEU B 137 -11.94 3.48 15.30
C LEU B 137 -11.76 2.23 14.41
N VAL B 138 -10.69 1.48 14.67
CA VAL B 138 -10.34 0.23 13.96
C VAL B 138 -10.51 -0.99 14.89
N ILE B 139 -11.15 -2.05 14.34
CA ILE B 139 -11.26 -3.33 15.00
C ILE B 139 -10.33 -4.28 14.25
N PHE B 140 -9.44 -4.95 15.01
CA PHE B 140 -8.56 -6.01 14.50
C PHE B 140 -9.27 -7.32 14.85
N ASN B 141 -9.70 -8.05 13.82
CA ASN B 141 -10.33 -9.37 13.93
C ASN B 141 -9.15 -10.32 13.69
N ARG B 142 -8.54 -10.79 14.81
CA ARG B 142 -7.26 -11.51 14.90
C ARG B 142 -6.19 -10.44 14.69
N SER B 143 -4.94 -10.67 15.14
CA SER B 143 -3.96 -9.57 15.09
C SER B 143 -2.53 -10.06 15.03
N HIS B 144 -1.60 -9.17 15.39
CA HIS B 144 -0.17 -9.44 15.55
C HIS B 144 0.03 -10.51 16.65
N TYR B 145 -0.99 -10.72 17.52
CA TYR B 145 -0.97 -11.73 18.58
C TYR B 145 -0.91 -13.11 18.03
N GLU B 146 -1.44 -13.33 16.83
CA GLU B 146 -1.42 -14.66 16.20
C GLU B 146 0.01 -15.16 16.06
N ASP B 147 0.97 -14.23 15.94
CA ASP B 147 2.39 -14.50 15.78
C ASP B 147 3.06 -14.99 17.08
N VAL B 148 2.31 -15.06 18.18
CA VAL B 148 2.70 -15.65 19.47
C VAL B 148 1.61 -16.66 19.89
N LEU B 149 0.63 -16.93 18.99
CA LEU B 149 -0.44 -17.87 19.25
C LEU B 149 -0.35 -19.09 18.31
N VAL B 150 -1.03 -19.07 17.13
CA VAL B 150 -0.97 -20.16 16.14
C VAL B 150 0.50 -20.49 15.79
N VAL B 151 1.36 -19.45 15.62
CA VAL B 151 2.79 -19.58 15.35
C VAL B 151 3.51 -20.41 16.47
N ARG B 152 3.20 -20.13 17.75
CA ARG B 152 3.76 -20.80 18.93
C ARG B 152 3.26 -22.25 19.02
N VAL B 153 1.94 -22.45 18.98
CA VAL B 153 1.24 -23.72 19.09
C VAL B 153 1.66 -24.74 17.98
N LYS B 154 1.71 -24.27 16.72
CA LYS B 154 2.06 -25.10 15.56
C LYS B 154 3.56 -25.06 15.24
N ASN B 155 4.35 -24.32 16.04
CA ASN B 155 5.81 -24.15 15.89
C ASN B 155 6.18 -23.84 14.45
N LEU B 156 5.57 -22.74 13.95
CA LEU B 156 5.78 -22.24 12.59
C LEU B 156 7.14 -21.55 12.46
N VAL B 157 7.71 -21.15 13.62
CA VAL B 157 9.04 -20.60 13.90
C VAL B 157 9.48 -21.26 15.26
N PRO B 158 10.79 -21.35 15.56
CA PRO B 158 11.17 -21.98 16.84
C PRO B 158 10.98 -21.03 18.02
N GLN B 159 10.95 -21.59 19.26
CA GLN B 159 10.80 -20.88 20.53
C GLN B 159 11.71 -19.67 20.65
N GLN B 160 12.99 -19.81 20.25
CA GLN B 160 14.00 -18.76 20.25
C GLN B 160 13.45 -17.49 19.60
N VAL B 161 12.73 -17.66 18.45
CA VAL B 161 12.11 -16.59 17.69
C VAL B 161 10.90 -16.05 18.35
N TRP B 162 9.86 -16.88 18.53
CA TRP B 162 8.61 -16.34 19.04
C TRP B 162 8.71 -15.82 20.49
N GLN B 163 9.69 -16.27 21.27
CA GLN B 163 9.86 -15.81 22.65
C GLN B 163 10.18 -14.30 22.74
N LYS B 164 10.98 -13.80 21.79
CA LYS B 164 11.39 -12.39 21.72
C LYS B 164 10.27 -11.43 21.34
N ARG B 165 9.21 -11.95 20.70
CA ARG B 165 8.09 -11.17 20.17
C ARG B 165 7.23 -10.51 21.26
N TYR B 166 7.20 -11.09 22.48
CA TYR B 166 6.45 -10.48 23.58
C TYR B 166 6.94 -9.05 23.84
N ARG B 167 8.27 -8.87 23.89
CA ARG B 167 8.92 -7.57 24.05
C ARG B 167 8.59 -6.65 22.87
N HIS B 168 8.65 -7.20 21.64
CA HIS B 168 8.37 -6.47 20.40
C HIS B 168 6.99 -5.88 20.51
N ILE B 169 5.98 -6.74 20.79
CA ILE B 169 4.58 -6.36 20.92
C ILE B 169 4.37 -5.25 22.05
N ARG B 170 5.00 -5.40 23.24
CA ARG B 170 4.93 -4.39 24.32
C ARG B 170 5.41 -3.02 23.82
N GLU B 171 6.56 -3.02 23.18
CA GLU B 171 7.23 -1.84 22.66
C GLU B 171 6.54 -1.22 21.45
N PHE B 172 5.96 -2.04 20.55
CA PHE B 172 5.23 -1.57 19.39
C PHE B 172 3.92 -0.86 19.88
N GLU B 173 3.26 -1.46 20.91
CA GLU B 173 2.04 -0.88 21.47
C GLU B 173 2.34 0.37 22.31
N ARG B 174 3.56 0.45 22.92
CA ARG B 174 3.99 1.61 23.69
C ARG B 174 4.08 2.78 22.74
N MET B 175 4.73 2.52 21.58
CA MET B 175 4.91 3.48 20.51
C MET B 175 3.57 3.98 20.02
N LEU B 176 2.60 3.07 19.76
CA LEU B 176 1.27 3.42 19.25
C LEU B 176 0.55 4.31 20.23
N ALA B 177 0.57 3.93 21.51
CA ALA B 177 -0.09 4.67 22.58
C ALA B 177 0.54 6.05 22.80
N ASP B 178 1.87 6.12 22.89
CA ASP B 178 2.62 7.36 23.07
C ASP B 178 2.31 8.35 21.97
N GLU B 179 2.08 7.84 20.75
CA GLU B 179 1.80 8.67 19.58
C GLU B 179 0.29 8.96 19.37
N GLY B 180 -0.52 8.62 20.39
CA GLY B 180 -1.95 8.93 20.48
C GLY B 180 -2.99 7.88 20.13
N THR B 181 -2.67 6.56 20.24
CA THR B 181 -3.66 5.50 20.03
C THR B 181 -4.14 4.94 21.38
N THR B 182 -5.48 4.86 21.53
CA THR B 182 -6.16 4.26 22.67
C THR B 182 -6.32 2.80 22.25
N ILE B 183 -5.72 1.88 23.03
CA ILE B 183 -5.67 0.46 22.71
C ILE B 183 -6.48 -0.35 23.69
N LEU B 184 -7.46 -1.09 23.18
CA LEU B 184 -8.31 -1.98 23.96
C LEU B 184 -8.14 -3.39 23.41
N LYS B 185 -7.67 -4.31 24.27
CA LYS B 185 -7.50 -5.69 23.81
C LYS B 185 -8.45 -6.60 24.54
N PHE B 186 -9.31 -7.26 23.75
CA PHE B 186 -10.33 -8.15 24.28
C PHE B 186 -10.07 -9.60 23.94
N PHE B 187 -9.97 -10.43 24.99
CA PHE B 187 -9.85 -11.85 24.82
C PHE B 187 -11.22 -12.45 25.10
N LEU B 188 -11.86 -13.00 24.05
CA LEU B 188 -13.16 -13.62 24.17
C LEU B 188 -12.98 -15.06 24.60
N HIS B 189 -13.19 -15.28 25.92
CA HIS B 189 -12.96 -16.55 26.60
C HIS B 189 -14.17 -17.48 26.62
N ILE B 190 -14.10 -18.55 25.81
CA ILE B 190 -15.12 -19.61 25.76
C ILE B 190 -14.56 -20.94 26.29
N SER B 191 -15.46 -21.84 26.78
CA SER B 191 -15.08 -23.15 27.28
C SER B 191 -14.89 -24.14 26.12
N LYS B 192 -14.13 -25.25 26.37
CA LYS B 192 -13.90 -26.29 25.36
C LYS B 192 -15.26 -26.89 24.94
N ASP B 193 -16.16 -27.13 25.93
CA ASP B 193 -17.48 -27.68 25.73
C ASP B 193 -18.38 -26.77 24.89
N GLU B 194 -18.34 -25.44 25.15
CA GLU B 194 -19.09 -24.43 24.37
C GLU B 194 -18.66 -24.43 22.91
N GLN B 195 -17.34 -24.51 22.66
CA GLN B 195 -16.78 -24.54 21.31
C GLN B 195 -17.27 -25.76 20.54
N ARG B 196 -17.35 -26.92 21.23
CA ARG B 196 -17.82 -28.19 20.65
C ARG B 196 -19.29 -28.03 20.15
N GLN B 197 -20.11 -27.35 20.94
CA GLN B 197 -21.50 -27.13 20.61
C GLN B 197 -21.63 -26.17 19.43
N ARG B 198 -20.88 -25.03 19.46
CA ARG B 198 -20.89 -23.99 18.41
C ARG B 198 -20.42 -24.52 17.08
N LEU B 199 -19.36 -25.38 17.11
CA LEU B 199 -18.82 -25.99 15.90
C LEU B 199 -19.82 -27.01 15.36
N GLN B 200 -20.52 -27.74 16.24
CA GLN B 200 -21.57 -28.67 15.81
C GLN B 200 -22.72 -27.91 15.18
N GLU B 201 -23.05 -26.72 15.69
CA GLU B 201 -24.12 -25.91 15.11
C GLU B 201 -23.74 -25.43 13.73
N ARG B 202 -22.44 -25.23 13.47
CA ARG B 202 -21.88 -24.81 12.19
C ARG B 202 -22.10 -25.90 11.15
N LEU B 203 -21.99 -27.16 11.57
CA LEU B 203 -22.20 -28.34 10.73
C LEU B 203 -23.69 -28.63 10.53
N ASP B 204 -24.54 -28.14 11.45
CA ASP B 204 -25.97 -28.39 11.39
C ASP B 204 -26.77 -27.20 10.79
N ASN B 205 -26.07 -26.11 10.40
CA ASN B 205 -26.67 -24.90 9.83
C ASN B 205 -26.18 -24.63 8.40
N PRO B 206 -27.11 -24.57 7.40
CA PRO B 206 -26.69 -24.34 6.00
C PRO B 206 -26.13 -22.94 5.72
N GLU B 207 -26.57 -21.94 6.51
CA GLU B 207 -26.11 -20.56 6.41
C GLU B 207 -24.87 -20.29 7.29
N LYS B 208 -24.32 -21.37 7.93
CA LYS B 208 -23.13 -21.34 8.81
C LYS B 208 -22.05 -22.30 8.31
N ARG B 209 -22.47 -23.39 7.62
CA ARG B 209 -21.67 -24.46 6.99
C ARG B 209 -20.42 -23.93 6.28
N TRP B 210 -20.58 -22.79 5.60
CA TRP B 210 -19.59 -22.09 4.79
C TRP B 210 -18.32 -21.61 5.54
N LYS B 211 -18.46 -21.24 6.84
CA LYS B 211 -17.37 -20.75 7.71
C LYS B 211 -16.43 -21.91 8.11
N PHE B 212 -16.92 -23.15 7.94
CA PHE B 212 -16.21 -24.37 8.28
C PHE B 212 -15.12 -24.75 7.28
N ARG B 213 -13.98 -25.17 7.86
CA ARG B 213 -12.79 -25.73 7.24
C ARG B 213 -12.47 -27.00 8.06
N MET B 214 -11.81 -28.00 7.46
CA MET B 214 -11.46 -29.25 8.15
C MET B 214 -10.48 -29.05 9.32
N GLY B 215 -9.61 -28.04 9.19
CA GLY B 215 -8.63 -27.64 10.19
C GLY B 215 -9.19 -27.18 11.53
N ASP B 216 -10.51 -26.87 11.57
CA ASP B 216 -11.24 -26.45 12.78
C ASP B 216 -11.30 -27.59 13.83
N LEU B 217 -11.20 -28.87 13.37
CA LEU B 217 -11.17 -30.10 14.16
C LEU B 217 -9.76 -30.44 14.65
N GLU B 218 -8.74 -30.11 13.83
CA GLU B 218 -7.33 -30.33 14.14
C GLU B 218 -6.92 -29.45 15.32
N ASP B 219 -7.18 -28.12 15.22
CA ASP B 219 -6.90 -27.11 16.24
C ASP B 219 -7.61 -27.45 17.55
N ARG B 220 -8.72 -28.23 17.46
CA ARG B 220 -9.52 -28.69 18.59
C ARG B 220 -8.67 -29.58 19.50
N ARG B 221 -7.85 -30.46 18.90
CA ARG B 221 -6.93 -31.36 19.60
C ARG B 221 -5.81 -30.55 20.34
N LEU B 222 -5.47 -29.37 19.81
CA LEU B 222 -4.46 -28.45 20.35
C LEU B 222 -5.00 -27.47 21.40
N TRP B 223 -6.26 -27.67 21.88
CA TRP B 223 -6.97 -26.78 22.82
C TRP B 223 -6.10 -26.24 23.96
N ASP B 224 -5.52 -27.14 24.75
CA ASP B 224 -4.71 -26.82 25.93
C ASP B 224 -3.48 -26.04 25.61
N ARG B 225 -2.84 -26.36 24.48
CA ARG B 225 -1.67 -25.61 24.02
C ARG B 225 -2.07 -24.21 23.62
N TYR B 226 -3.26 -24.06 23.05
CA TYR B 226 -3.78 -22.73 22.69
C TYR B 226 -4.10 -21.94 23.93
N GLN B 227 -4.63 -22.62 24.97
CA GLN B 227 -5.00 -21.98 26.22
C GLN B 227 -3.74 -21.50 26.93
N GLU B 228 -2.71 -22.37 26.97
CA GLU B 228 -1.41 -22.07 27.55
C GLU B 228 -0.81 -20.86 26.80
N ALA B 229 -0.96 -20.80 25.44
CA ALA B 229 -0.42 -19.71 24.61
C ALA B 229 -1.14 -18.40 24.89
N TYR B 230 -2.46 -18.47 25.12
CA TYR B 230 -3.22 -17.26 25.45
C TYR B 230 -2.81 -16.71 26.83
N GLU B 231 -2.70 -17.60 27.85
CA GLU B 231 -2.30 -17.20 29.20
C GLU B 231 -0.95 -16.52 29.15
N ALA B 232 0.02 -17.16 28.48
CA ALA B 232 1.36 -16.64 28.29
C ALA B 232 1.35 -15.23 27.70
N ALA B 233 0.60 -15.01 26.58
CA ALA B 233 0.60 -13.73 25.85
C ALA B 233 -0.03 -12.63 26.64
N ILE B 234 -1.18 -12.92 27.28
CA ILE B 234 -1.89 -11.96 28.09
C ILE B 234 -1.03 -11.51 29.27
N ARG B 235 -0.36 -12.45 29.97
CA ARG B 235 0.52 -12.15 31.10
C ARG B 235 1.68 -11.22 30.68
N GLU B 236 2.25 -11.46 29.50
CA GLU B 236 3.39 -10.74 28.95
C GLU B 236 3.03 -9.40 28.33
N THR B 237 1.82 -9.24 27.78
CA THR B 237 1.50 -8.03 27.01
C THR B 237 0.42 -7.12 27.57
N SER B 238 -0.23 -7.50 28.66
CA SER B 238 -1.22 -6.60 29.25
C SER B 238 -0.46 -5.52 30.03
N THR B 239 -0.58 -4.27 29.58
CA THR B 239 0.15 -3.13 30.18
C THR B 239 -0.81 -2.01 30.55
N GLU B 240 -0.27 -0.96 31.21
CA GLU B 240 -1.05 0.22 31.59
C GLU B 240 -1.53 0.99 30.38
N TYR B 241 -0.73 1.00 29.27
CA TYR B 241 -1.02 1.67 28.01
C TYR B 241 -1.81 0.80 27.05
N ALA B 242 -1.71 -0.52 27.19
CA ALA B 242 -2.44 -1.47 26.34
C ALA B 242 -2.92 -2.66 27.19
N PRO B 243 -4.08 -2.48 27.90
CA PRO B 243 -4.58 -3.57 28.75
C PRO B 243 -5.34 -4.65 28.00
N TRP B 244 -5.33 -5.84 28.58
CA TRP B 244 -6.08 -7.00 28.12
C TRP B 244 -7.29 -7.11 29.04
N TYR B 245 -8.46 -7.37 28.45
CA TYR B 245 -9.67 -7.66 29.19
C TYR B 245 -10.08 -9.06 28.80
N VAL B 246 -10.29 -9.91 29.79
CA VAL B 246 -10.72 -11.30 29.61
C VAL B 246 -12.22 -11.26 29.74
N ILE B 247 -12.93 -11.42 28.61
CA ILE B 247 -14.38 -11.38 28.54
C ILE B 247 -14.95 -12.81 28.63
N PRO B 248 -15.67 -13.20 29.73
CA PRO B 248 -16.33 -14.51 29.75
C PRO B 248 -17.34 -14.50 28.58
N ALA B 249 -17.06 -15.27 27.52
CA ALA B 249 -17.80 -15.20 26.26
C ALA B 249 -18.73 -16.37 25.96
N ASN B 250 -19.00 -17.26 26.94
CA ASN B 250 -19.94 -18.38 26.74
C ASN B 250 -21.35 -17.87 26.46
N LYS B 251 -21.77 -16.77 27.13
CA LYS B 251 -23.09 -16.14 26.95
C LYS B 251 -22.91 -14.90 26.07
N ASN B 252 -23.45 -14.92 24.83
CA ASN B 252 -23.36 -13.83 23.85
C ASN B 252 -23.86 -12.49 24.39
N TRP B 253 -25.02 -12.53 25.11
CA TRP B 253 -25.60 -11.33 25.71
C TRP B 253 -24.66 -10.67 26.72
N TYR B 254 -23.91 -11.48 27.49
CA TYR B 254 -23.02 -10.96 28.50
C TYR B 254 -21.74 -10.43 27.87
N ARG B 255 -21.26 -11.14 26.84
CA ARG B 255 -20.09 -10.82 26.07
C ARG B 255 -20.29 -9.44 25.43
N ASN B 256 -21.41 -9.28 24.73
CA ASN B 256 -21.74 -8.05 24.03
C ASN B 256 -21.92 -6.85 24.96
N TRP B 257 -22.62 -7.04 26.08
CA TRP B 257 -22.82 -5.97 27.05
C TRP B 257 -21.48 -5.49 27.69
N LEU B 258 -20.66 -6.44 28.13
CA LEU B 258 -19.39 -6.19 28.81
C LEU B 258 -18.34 -5.50 27.92
N VAL B 259 -18.17 -5.96 26.67
CA VAL B 259 -17.26 -5.33 25.70
C VAL B 259 -17.79 -3.87 25.46
N SER B 260 -19.10 -3.71 25.24
CA SER B 260 -19.70 -2.39 25.03
C SER B 260 -19.45 -1.47 26.21
N HIS B 261 -19.69 -1.96 27.45
CA HIS B 261 -19.46 -1.19 28.67
C HIS B 261 -18.00 -0.72 28.78
N ILE B 262 -17.03 -1.64 28.57
CA ILE B 262 -15.61 -1.32 28.65
C ILE B 262 -15.22 -0.28 27.59
N LEU B 263 -15.65 -0.48 26.34
CA LEU B 263 -15.36 0.46 25.27
C LEU B 263 -15.91 1.86 25.54
N VAL B 264 -17.21 1.93 25.89
CA VAL B 264 -17.94 3.16 26.17
C VAL B 264 -17.22 3.94 27.31
N GLU B 265 -16.95 3.28 28.46
CA GLU B 265 -16.23 3.87 29.58
C GLU B 265 -14.86 4.44 29.13
N THR B 266 -14.05 3.65 28.37
CA THR B 266 -12.75 4.10 27.88
C THR B 266 -12.88 5.36 27.00
N LEU B 267 -13.87 5.37 26.09
CA LEU B 267 -14.10 6.49 25.18
C LEU B 267 -14.60 7.73 25.89
N GLU B 268 -15.37 7.52 26.99
CA GLU B 268 -15.87 8.59 27.84
C GLU B 268 -14.67 9.27 28.50
N GLY B 269 -13.70 8.45 28.94
CA GLY B 269 -12.48 8.89 29.59
C GLY B 269 -11.60 9.82 28.78
N LEU B 270 -11.77 9.79 27.46
CA LEU B 270 -11.00 10.64 26.56
C LEU B 270 -11.45 12.10 26.57
N ALA B 271 -12.62 12.41 27.17
CA ALA B 271 -13.17 13.77 27.28
C ALA B 271 -13.06 14.54 25.94
N MET B 272 -13.55 13.84 24.89
CA MET B 272 -13.54 14.33 23.51
C MET B 272 -14.49 15.50 23.34
N GLN B 273 -14.09 16.50 22.58
CA GLN B 273 -14.92 17.68 22.36
C GLN B 273 -15.03 18.01 20.88
N TYR B 274 -16.17 18.56 20.45
CA TYR B 274 -16.43 18.98 19.08
C TYR B 274 -15.63 20.26 18.75
N PRO B 275 -15.08 20.40 17.51
CA PRO B 275 -14.36 21.65 17.17
C PRO B 275 -15.23 22.93 17.17
N GLN B 276 -14.57 24.11 17.28
CA GLN B 276 -15.23 25.42 17.29
C GLN B 276 -15.42 25.95 15.86
N MET C 21 -39.57 1.42 -12.26
CA MET C 21 -38.62 1.67 -11.16
C MET C 21 -37.24 2.04 -11.63
N LYS C 22 -36.93 1.69 -12.89
CA LYS C 22 -35.67 2.03 -13.53
C LYS C 22 -35.85 3.30 -14.43
N LYS C 23 -36.93 4.10 -14.13
CA LYS C 23 -37.24 5.42 -14.69
C LYS C 23 -36.07 6.39 -14.32
N TYR C 24 -35.26 5.99 -13.30
CA TYR C 24 -34.10 6.71 -12.79
C TYR C 24 -32.76 6.21 -13.35
N ARG C 25 -32.75 5.05 -14.02
CA ARG C 25 -31.57 4.48 -14.66
C ARG C 25 -31.34 5.23 -15.97
N VAL C 26 -30.13 5.77 -16.13
CA VAL C 26 -29.73 6.52 -17.32
C VAL C 26 -29.29 5.57 -18.44
N GLN C 27 -30.14 5.47 -19.46
CA GLN C 27 -29.91 4.61 -20.62
C GLN C 27 -28.59 4.89 -21.36
N PRO C 28 -27.88 3.86 -21.87
CA PRO C 28 -26.61 4.12 -22.58
C PRO C 28 -26.78 4.57 -24.04
N ASP C 29 -27.73 5.50 -24.29
CA ASP C 29 -28.02 6.03 -25.62
C ASP C 29 -27.27 7.34 -25.95
N GLY C 30 -26.62 7.92 -24.92
CA GLY C 30 -25.91 9.19 -24.99
C GLY C 30 -26.84 10.35 -25.26
N ARG C 31 -28.12 10.21 -24.81
CA ARG C 31 -29.20 11.18 -24.99
C ARG C 31 -29.78 11.66 -23.63
N PHE C 32 -28.87 11.91 -22.65
CA PHE C 32 -29.22 12.39 -21.31
C PHE C 32 -29.28 13.95 -21.21
N GLU C 33 -30.33 14.46 -20.55
CA GLU C 33 -30.57 15.88 -20.27
C GLU C 33 -31.11 15.99 -18.84
N LEU C 34 -30.29 16.53 -17.91
CA LEU C 34 -30.55 16.69 -16.47
C LEU C 34 -31.83 17.48 -16.15
N LYS C 35 -32.31 18.31 -17.12
CA LYS C 35 -33.56 19.09 -17.01
C LYS C 35 -34.80 18.20 -16.83
N ARG C 36 -34.73 16.94 -17.32
CA ARG C 36 -35.78 15.91 -17.26
C ARG C 36 -35.95 15.33 -15.86
N PHE C 37 -34.98 15.61 -14.97
CA PHE C 37 -35.00 15.14 -13.60
C PHE C 37 -35.30 16.30 -12.63
N ASP C 38 -36.30 16.13 -11.76
CA ASP C 38 -36.67 17.14 -10.79
C ASP C 38 -36.19 16.70 -9.41
N PRO C 39 -35.32 17.50 -8.73
CA PRO C 39 -34.89 17.12 -7.38
C PRO C 39 -36.04 16.91 -6.39
N ASP C 40 -37.18 17.57 -6.63
CA ASP C 40 -38.36 17.48 -5.76
C ASP C 40 -39.31 16.32 -6.08
N ASP C 41 -39.05 15.56 -7.16
CA ASP C 41 -39.83 14.40 -7.58
C ASP C 41 -39.83 13.26 -6.53
N THR C 42 -41.02 12.72 -6.23
CA THR C 42 -41.23 11.62 -5.28
C THR C 42 -42.23 10.61 -5.87
N SER C 43 -42.45 10.66 -7.21
CA SER C 43 -43.44 9.84 -7.92
C SER C 43 -43.27 8.31 -7.81
N ALA C 44 -42.07 7.79 -7.51
CA ALA C 44 -41.92 6.33 -7.38
C ALA C 44 -42.47 5.77 -6.04
N PHE C 45 -42.75 6.64 -5.04
CA PHE C 45 -43.32 6.20 -3.77
C PHE C 45 -44.74 6.78 -3.52
N GLU C 46 -45.72 5.90 -3.30
CA GLU C 46 -47.08 6.37 -3.01
C GLU C 46 -47.41 6.31 -1.49
N GLY C 47 -47.05 7.33 -0.71
CA GLY C 47 -47.38 7.33 0.72
C GLY C 47 -46.83 8.38 1.67
N GLY C 48 -45.83 9.16 1.22
CA GLY C 48 -45.21 10.20 2.05
C GLY C 48 -44.21 9.64 3.05
N LYS C 49 -43.58 10.55 3.84
CA LYS C 49 -42.51 10.27 4.80
C LYS C 49 -42.80 9.08 5.75
N GLN C 50 -43.80 9.19 6.63
CA GLN C 50 -44.13 8.13 7.58
C GLN C 50 -44.12 6.72 6.94
N ALA C 51 -44.82 6.54 5.79
CA ALA C 51 -44.93 5.27 5.08
C ALA C 51 -43.59 4.81 4.49
N ALA C 52 -42.83 5.78 3.97
CA ALA C 52 -41.52 5.54 3.35
C ALA C 52 -40.50 5.09 4.32
N LEU C 53 -40.57 5.61 5.56
CA LEU C 53 -39.66 5.24 6.65
C LEU C 53 -39.86 3.76 6.99
N GLU C 54 -41.15 3.32 7.02
CA GLU C 54 -41.52 1.93 7.27
C GLU C 54 -40.95 1.05 6.15
N ALA C 55 -41.13 1.48 4.88
CA ALA C 55 -40.66 0.78 3.68
C ALA C 55 -39.14 0.61 3.68
N LEU C 56 -38.41 1.68 4.11
CA LEU C 56 -36.95 1.72 4.21
C LEU C 56 -36.45 0.74 5.26
N ALA C 57 -37.17 0.65 6.38
CA ALA C 57 -36.85 -0.27 7.49
C ALA C 57 -36.84 -1.72 7.00
N VAL C 58 -37.81 -2.07 6.13
CA VAL C 58 -37.96 -3.39 5.51
C VAL C 58 -36.76 -3.66 4.57
N LEU C 59 -36.46 -2.70 3.68
CA LEU C 59 -35.34 -2.81 2.74
C LEU C 59 -33.99 -2.88 3.46
N ASN C 60 -33.85 -2.16 4.59
CA ASN C 60 -32.62 -2.14 5.37
C ASN C 60 -32.30 -3.54 5.94
N ARG C 61 -33.36 -4.25 6.38
CA ARG C 61 -33.26 -5.59 6.91
C ARG C 61 -32.83 -6.57 5.81
N ARG C 62 -33.39 -6.40 4.59
CA ARG C 62 -33.08 -7.20 3.42
C ARG C 62 -31.64 -6.95 3.01
N LEU C 63 -31.21 -5.66 3.07
CA LEU C 63 -29.84 -5.28 2.76
C LEU C 63 -28.88 -5.97 3.72
N GLU C 64 -29.18 -5.95 5.03
CA GLU C 64 -28.35 -6.60 6.07
C GLU C 64 -28.16 -8.07 5.72
N LYS C 65 -29.25 -8.78 5.39
CA LYS C 65 -29.23 -10.20 5.00
C LYS C 65 -28.44 -10.45 3.70
N LEU C 66 -28.66 -9.59 2.68
CA LEU C 66 -27.98 -9.68 1.39
C LEU C 66 -26.50 -9.50 1.50
N GLN C 67 -26.03 -8.60 2.41
CA GLN C 67 -24.60 -8.38 2.66
C GLN C 67 -24.01 -9.65 3.30
N GLU C 68 -24.74 -10.24 4.25
CA GLU C 68 -24.32 -11.46 4.94
C GLU C 68 -24.06 -12.57 3.89
N LEU C 69 -24.93 -12.67 2.85
CA LEU C 69 -24.82 -13.62 1.74
C LEU C 69 -23.59 -13.35 0.90
N LEU C 70 -23.38 -12.06 0.57
CA LEU C 70 -22.26 -11.58 -0.23
C LEU C 70 -20.93 -11.96 0.38
N TYR C 71 -20.77 -11.69 1.68
CA TYR C 71 -19.56 -11.96 2.45
C TYR C 71 -19.33 -13.45 2.52
N ALA C 72 -20.38 -14.24 2.73
CA ALA C 72 -20.34 -15.70 2.81
C ALA C 72 -20.01 -16.33 1.48
N GLU C 73 -20.64 -15.89 0.37
CA GLU C 73 -20.38 -16.42 -0.97
C GLU C 73 -18.93 -16.09 -1.41
N GLY C 74 -18.48 -14.87 -1.08
CA GLY C 74 -17.12 -14.40 -1.32
C GLY C 74 -16.66 -14.41 -2.77
N GLN C 75 -17.59 -14.19 -3.71
CA GLN C 75 -17.26 -14.16 -5.12
C GLN C 75 -17.43 -12.77 -5.76
N HIS C 76 -18.59 -12.13 -5.55
CA HIS C 76 -18.88 -10.81 -6.12
C HIS C 76 -18.18 -9.67 -5.38
N LYS C 77 -18.02 -8.54 -6.08
CA LYS C 77 -17.46 -7.32 -5.51
C LYS C 77 -18.51 -6.26 -5.80
N VAL C 78 -18.97 -5.54 -4.78
CA VAL C 78 -19.99 -4.51 -5.01
C VAL C 78 -19.43 -3.12 -4.80
N LEU C 79 -19.55 -2.29 -5.84
CA LEU C 79 -19.09 -0.90 -5.78
C LEU C 79 -20.24 0.07 -5.97
N VAL C 80 -20.53 0.83 -4.90
CA VAL C 80 -21.56 1.86 -4.83
C VAL C 80 -20.80 3.18 -4.90
N VAL C 81 -21.10 3.99 -5.94
CA VAL C 81 -20.45 5.28 -6.14
C VAL C 81 -21.49 6.35 -5.80
N LEU C 82 -21.12 7.26 -4.89
CA LEU C 82 -21.97 8.39 -4.54
C LEU C 82 -21.29 9.68 -5.03
N GLN C 83 -22.04 10.45 -5.84
CA GLN C 83 -21.66 11.74 -6.37
C GLN C 83 -22.81 12.68 -6.10
N ALA C 84 -22.49 13.88 -5.64
CA ALA C 84 -23.47 14.92 -5.33
C ALA C 84 -22.78 16.26 -5.24
N MET C 85 -23.57 17.34 -5.27
CA MET C 85 -23.07 18.69 -5.03
C MET C 85 -22.80 18.77 -3.51
N ASP C 86 -22.07 19.80 -3.05
CA ASP C 86 -21.81 19.92 -1.61
C ASP C 86 -23.15 20.07 -0.88
N ALA C 87 -23.34 19.29 0.22
CA ALA C 87 -24.57 19.18 1.03
C ALA C 87 -25.68 18.45 0.26
N GLY C 88 -25.27 17.66 -0.73
CA GLY C 88 -26.16 16.86 -1.57
C GLY C 88 -26.68 15.57 -0.97
N GLY C 89 -26.20 15.22 0.23
CA GLY C 89 -26.61 14.04 0.98
C GLY C 89 -25.74 12.79 0.92
N LYS C 90 -24.43 12.92 0.60
CA LYS C 90 -23.48 11.79 0.55
C LYS C 90 -23.32 11.09 1.91
N ASP C 91 -22.91 11.83 2.98
CA ASP C 91 -22.73 11.25 4.30
C ASP C 91 -24.04 10.67 4.87
N GLY C 92 -25.13 11.40 4.67
CA GLY C 92 -26.48 11.00 5.10
C GLY C 92 -26.94 9.69 4.49
N THR C 93 -26.63 9.46 3.20
CA THR C 93 -27.00 8.24 2.49
C THR C 93 -26.26 7.04 3.11
N ILE C 94 -24.92 7.14 3.22
CA ILE C 94 -24.09 6.08 3.83
C ILE C 94 -24.62 5.70 5.18
N ARG C 95 -24.80 6.71 6.04
CA ARG C 95 -25.25 6.55 7.42
C ARG C 95 -26.61 5.86 7.52
N VAL C 96 -27.61 6.29 6.75
CA VAL C 96 -28.98 5.73 6.82
C VAL C 96 -29.15 4.41 6.02
N VAL C 97 -28.74 4.38 4.73
CA VAL C 97 -28.86 3.18 3.90
C VAL C 97 -28.09 1.99 4.50
N PHE C 98 -26.88 2.22 4.98
CA PHE C 98 -26.04 1.14 5.49
C PHE C 98 -26.12 0.96 6.99
N ASP C 99 -27.19 1.49 7.64
CA ASP C 99 -27.38 1.35 9.09
C ASP C 99 -27.63 -0.11 9.48
N GLY C 100 -26.74 -0.61 10.34
CA GLY C 100 -26.81 -1.95 10.91
C GLY C 100 -26.13 -3.02 10.08
N VAL C 101 -25.63 -2.65 8.90
CA VAL C 101 -24.92 -3.55 8.00
C VAL C 101 -23.53 -3.83 8.62
N ASN C 102 -23.17 -5.14 8.74
CA ASN C 102 -21.90 -5.61 9.31
C ASN C 102 -20.66 -4.86 8.81
N PRO C 103 -19.92 -4.23 9.75
CA PRO C 103 -18.70 -3.49 9.40
C PRO C 103 -17.63 -4.32 8.68
N SER C 104 -17.58 -5.63 8.95
CA SER C 104 -16.62 -6.54 8.35
C SER C 104 -16.80 -6.71 6.83
N GLY C 105 -17.99 -6.44 6.33
CA GLY C 105 -18.31 -6.60 4.92
C GLY C 105 -18.60 -5.32 4.16
N VAL C 106 -18.60 -4.14 4.85
CA VAL C 106 -18.86 -2.85 4.22
C VAL C 106 -17.76 -1.83 4.58
N ARG C 107 -17.31 -1.09 3.56
CA ARG C 107 -16.21 -0.12 3.66
C ARG C 107 -16.47 1.18 2.86
N VAL C 108 -16.13 2.31 3.47
CA VAL C 108 -16.21 3.63 2.85
C VAL C 108 -14.80 4.10 2.50
N ALA C 109 -14.66 4.59 1.26
CA ALA C 109 -13.46 5.17 0.69
C ALA C 109 -13.84 6.58 0.22
N SER C 110 -13.26 7.60 0.87
CA SER C 110 -13.52 9.00 0.50
C SER C 110 -12.42 9.54 -0.38
N PHE C 111 -12.80 10.32 -1.41
CA PHE C 111 -11.82 10.96 -2.29
C PHE C 111 -11.85 12.48 -2.13
N GLY C 112 -10.82 12.97 -1.45
CA GLY C 112 -10.61 14.38 -1.17
C GLY C 112 -9.57 14.99 -2.11
N VAL C 113 -9.09 16.21 -1.77
CA VAL C 113 -8.09 16.96 -2.53
C VAL C 113 -6.86 16.07 -2.70
N PRO C 114 -6.45 15.77 -3.97
CA PRO C 114 -5.29 14.90 -4.19
C PRO C 114 -3.99 15.38 -3.55
N THR C 115 -3.23 14.43 -2.96
CA THR C 115 -1.91 14.69 -2.36
C THR C 115 -0.86 14.72 -3.46
N GLU C 116 0.36 15.16 -3.13
CA GLU C 116 1.44 15.21 -4.10
C GLU C 116 1.80 13.80 -4.60
N GLN C 117 1.66 12.78 -3.72
CA GLN C 117 1.92 11.38 -4.02
C GLN C 117 0.91 10.89 -5.04
N GLU C 118 -0.36 11.26 -4.83
CA GLU C 118 -1.48 10.90 -5.69
C GLU C 118 -1.41 11.56 -7.03
N LEU C 119 -0.95 12.82 -7.07
CA LEU C 119 -0.80 13.56 -8.32
C LEU C 119 0.37 13.10 -9.16
N ALA C 120 1.36 12.45 -8.52
CA ALA C 120 2.58 11.93 -9.15
C ALA C 120 2.33 10.69 -10.02
N ARG C 121 1.13 10.13 -9.94
CA ARG C 121 0.65 8.97 -10.71
C ARG C 121 -0.63 9.44 -11.39
N ASP C 122 -1.10 8.67 -12.39
CA ASP C 122 -2.37 8.97 -13.06
C ASP C 122 -3.51 9.09 -12.01
N TYR C 123 -4.54 9.86 -12.32
CA TYR C 123 -5.72 10.07 -11.45
C TYR C 123 -6.45 8.77 -11.05
N LEU C 124 -6.31 7.68 -11.85
CA LEU C 124 -7.02 6.43 -11.51
C LEU C 124 -6.29 5.57 -10.49
N TRP C 125 -5.00 5.83 -10.26
CA TRP C 125 -4.16 5.10 -9.33
C TRP C 125 -4.69 5.07 -7.91
N ARG C 126 -5.08 6.24 -7.36
CA ARG C 126 -5.59 6.31 -5.98
C ARG C 126 -6.94 5.62 -5.82
N VAL C 127 -7.74 5.65 -6.89
CA VAL C 127 -9.09 5.12 -6.98
C VAL C 127 -9.03 3.62 -7.13
N HIS C 128 -8.18 3.13 -8.08
CA HIS C 128 -8.04 1.69 -8.31
C HIS C 128 -7.59 0.96 -7.01
N GLN C 129 -6.77 1.60 -6.20
CA GLN C 129 -6.28 1.05 -4.94
C GLN C 129 -7.40 0.73 -3.94
N GLN C 130 -8.53 1.47 -3.98
CA GLN C 130 -9.64 1.31 -3.05
C GLN C 130 -10.80 0.40 -3.52
N VAL C 131 -10.74 -0.15 -4.75
CA VAL C 131 -11.81 -0.99 -5.31
C VAL C 131 -12.24 -2.16 -4.37
N PRO C 132 -13.53 -2.59 -4.31
CA PRO C 132 -13.86 -3.70 -3.42
C PRO C 132 -13.16 -5.00 -3.81
N ARG C 133 -12.83 -5.83 -2.81
CA ARG C 133 -12.30 -7.17 -3.02
C ARG C 133 -13.50 -8.15 -3.08
N LYS C 134 -13.26 -9.43 -3.35
CA LYS C 134 -14.33 -10.45 -3.39
C LYS C 134 -15.05 -10.54 -2.01
N GLY C 135 -16.35 -10.52 -2.03
CA GLY C 135 -17.19 -10.59 -0.83
C GLY C 135 -17.42 -9.27 -0.10
N GLU C 136 -16.86 -8.17 -0.63
CA GLU C 136 -16.89 -6.82 -0.04
C GLU C 136 -17.76 -5.86 -0.82
N LEU C 137 -18.47 -5.00 -0.08
CA LEU C 137 -19.30 -3.92 -0.59
C LEU C 137 -18.58 -2.62 -0.18
N VAL C 138 -18.14 -1.84 -1.19
CA VAL C 138 -17.43 -0.57 -1.02
C VAL C 138 -18.28 0.58 -1.50
N ILE C 139 -18.32 1.65 -0.68
CA ILE C 139 -18.96 2.90 -1.02
C ILE C 139 -17.84 3.91 -1.28
N PHE C 140 -17.89 4.54 -2.45
CA PHE C 140 -17.01 5.64 -2.85
C PHE C 140 -17.79 6.92 -2.56
N ASN C 141 -17.28 7.72 -1.60
CA ASN C 141 -17.84 9.00 -1.21
C ASN C 141 -16.98 9.98 -2.00
N ARG C 142 -17.48 10.37 -3.19
CA ARG C 142 -16.78 11.10 -4.27
C ARG C 142 -15.88 10.04 -4.95
N SER C 143 -15.46 10.26 -6.18
CA SER C 143 -14.72 9.19 -6.87
C SER C 143 -13.77 9.71 -7.94
N HIS C 144 -13.40 8.82 -8.87
CA HIS C 144 -12.62 9.09 -10.07
C HIS C 144 -13.38 10.10 -10.96
N TYR C 145 -14.74 10.25 -10.74
CA TYR C 145 -15.59 11.20 -11.45
C TYR C 145 -15.19 12.62 -11.18
N GLU C 146 -14.60 12.87 -10.00
CA GLU C 146 -14.14 14.22 -9.67
C GLU C 146 -13.12 14.76 -10.64
N ASP C 147 -12.44 13.86 -11.36
CA ASP C 147 -11.44 14.19 -12.37
C ASP C 147 -12.04 14.64 -13.70
N VAL C 148 -13.37 14.62 -13.80
CA VAL C 148 -14.17 15.13 -14.93
C VAL C 148 -15.23 16.12 -14.41
N LEU C 149 -15.17 16.41 -13.08
CA LEU C 149 -16.09 17.34 -12.43
C LEU C 149 -15.36 18.62 -11.98
N VAL C 150 -14.82 18.66 -10.72
CA VAL C 150 -14.08 19.82 -10.18
C VAL C 150 -12.93 20.22 -11.14
N VAL C 151 -12.22 19.20 -11.69
CA VAL C 151 -11.12 19.37 -12.66
C VAL C 151 -11.61 20.13 -13.93
N ARG C 152 -12.78 19.73 -14.47
CA ARG C 152 -13.40 20.34 -15.66
C ARG C 152 -13.90 21.75 -15.36
N VAL C 153 -14.70 21.90 -14.27
CA VAL C 153 -15.33 23.16 -13.84
C VAL C 153 -14.29 24.28 -13.54
N LYS C 154 -13.23 23.92 -12.80
CA LYS C 154 -12.17 24.85 -12.40
C LYS C 154 -10.99 24.89 -13.36
N ASN C 155 -11.08 24.11 -14.47
CA ASN C 155 -10.06 23.98 -15.54
C ASN C 155 -8.69 23.80 -14.94
N LEU C 156 -8.57 22.73 -14.13
CA LEU C 156 -7.35 22.35 -13.43
C LEU C 156 -6.36 21.74 -14.42
N VAL C 157 -6.90 21.26 -15.56
CA VAL C 157 -6.26 20.70 -16.72
C VAL C 157 -7.08 21.24 -17.94
N PRO C 158 -6.50 21.34 -19.17
CA PRO C 158 -7.30 21.81 -20.31
C PRO C 158 -8.25 20.72 -20.83
N GLN C 159 -9.28 21.16 -21.59
CA GLN C 159 -10.31 20.32 -22.20
C GLN C 159 -9.74 19.11 -22.91
N GLN C 160 -8.65 19.30 -23.70
CA GLN C 160 -7.95 18.24 -24.41
C GLN C 160 -7.62 17.08 -23.46
N VAL C 161 -7.20 17.38 -22.23
CA VAL C 161 -6.84 16.39 -21.20
C VAL C 161 -8.06 15.71 -20.59
N TRP C 162 -8.98 16.50 -20.00
CA TRP C 162 -10.12 15.89 -19.32
C TRP C 162 -11.16 15.25 -20.26
N GLN C 163 -11.19 15.65 -21.54
CA GLN C 163 -12.12 15.08 -22.52
C GLN C 163 -11.88 13.60 -22.75
N LYS C 164 -10.60 13.18 -22.77
CA LYS C 164 -10.17 11.80 -22.98
C LYS C 164 -10.55 10.89 -21.83
N ARG C 165 -10.73 11.46 -20.62
CA ARG C 165 -11.01 10.74 -19.38
C ARG C 165 -12.37 10.01 -19.32
N TYR C 166 -13.35 10.42 -20.15
CA TYR C 166 -14.64 9.74 -20.24
C TYR C 166 -14.43 8.32 -20.73
N ARG C 167 -13.61 8.14 -21.80
CA ARG C 167 -13.25 6.85 -22.39
C ARG C 167 -12.51 6.02 -21.37
N HIS C 168 -11.54 6.64 -20.65
CA HIS C 168 -10.76 6.00 -19.59
C HIS C 168 -11.71 5.39 -18.57
N ILE C 169 -12.69 6.17 -18.09
CA ILE C 169 -13.63 5.70 -17.08
C ILE C 169 -14.52 4.56 -17.62
N ARG C 170 -15.05 4.71 -18.82
CA ARG C 170 -15.88 3.64 -19.41
C ARG C 170 -15.10 2.33 -19.43
N GLU C 171 -13.86 2.41 -19.91
CA GLU C 171 -12.98 1.27 -20.08
C GLU C 171 -12.46 0.67 -18.77
N PHE C 172 -12.19 1.52 -17.78
CA PHE C 172 -11.75 1.09 -16.46
C PHE C 172 -12.91 0.35 -15.74
N GLU C 173 -14.14 0.87 -15.90
CA GLU C 173 -15.32 0.25 -15.32
C GLU C 173 -15.70 -1.04 -16.06
N ARG C 174 -15.40 -1.12 -17.38
CA ARG C 174 -15.68 -2.32 -18.18
C ARG C 174 -14.82 -3.42 -17.64
N MET C 175 -13.51 -3.11 -17.44
CA MET C 175 -12.52 -4.02 -16.86
C MET C 175 -12.98 -4.51 -15.48
N LEU C 176 -13.42 -3.59 -14.58
CA LEU C 176 -13.88 -3.93 -13.23
C LEU C 176 -15.05 -4.88 -13.27
N ALA C 177 -16.05 -4.55 -14.12
CA ALA C 177 -17.27 -5.35 -14.24
C ALA C 177 -16.98 -6.73 -14.82
N ASP C 178 -16.19 -6.80 -15.92
CA ASP C 178 -15.82 -8.04 -16.59
C ASP C 178 -15.12 -8.98 -15.62
N GLU C 179 -14.33 -8.41 -14.68
CA GLU C 179 -13.54 -9.16 -13.71
C GLU C 179 -14.30 -9.44 -12.37
N GLY C 180 -15.58 -9.11 -12.31
CA GLY C 180 -16.44 -9.47 -11.19
C GLY C 180 -17.06 -8.42 -10.30
N THR C 181 -17.02 -7.13 -10.70
CA THR C 181 -17.58 -6.05 -9.87
C THR C 181 -18.92 -5.62 -10.38
N THR C 182 -19.91 -5.56 -9.47
CA THR C 182 -21.25 -5.02 -9.71
C THR C 182 -21.10 -3.51 -9.34
N ILE C 183 -21.32 -2.63 -10.33
CA ILE C 183 -21.15 -1.19 -10.17
C ILE C 183 -22.46 -0.44 -10.19
N LEU C 184 -22.73 0.31 -9.13
CA LEU C 184 -23.94 1.14 -8.97
C LEU C 184 -23.48 2.56 -8.77
N LYS C 185 -23.89 3.46 -9.65
CA LYS C 185 -23.44 4.85 -9.56
C LYS C 185 -24.63 5.75 -9.34
N PHE C 186 -24.69 6.36 -8.15
CA PHE C 186 -25.79 7.23 -7.73
C PHE C 186 -25.44 8.69 -7.78
N PHE C 187 -26.23 9.46 -8.55
CA PHE C 187 -26.09 10.89 -8.56
C PHE C 187 -27.21 11.46 -7.68
N LEU C 188 -26.82 12.06 -6.54
CA LEU C 188 -27.78 12.65 -5.62
C LEU C 188 -28.09 14.07 -6.06
N HIS C 189 -29.24 14.19 -6.75
CA HIS C 189 -29.70 15.42 -7.39
C HIS C 189 -30.54 16.34 -6.48
N ILE C 190 -29.92 17.46 -6.06
CA ILE C 190 -30.56 18.49 -5.24
C ILE C 190 -30.67 19.79 -6.06
N SER C 191 -31.62 20.66 -5.68
CA SER C 191 -31.82 21.96 -6.33
C SER C 191 -30.84 22.98 -5.77
N LYS C 192 -30.60 24.07 -6.52
CA LYS C 192 -29.71 25.17 -6.10
C LYS C 192 -30.25 25.79 -4.80
N ASP C 193 -31.59 25.98 -4.72
CA ASP C 193 -32.26 26.53 -3.57
C ASP C 193 -32.15 25.65 -2.32
N GLU C 194 -32.28 24.31 -2.49
CA GLU C 194 -32.14 23.33 -1.40
C GLU C 194 -30.72 23.38 -0.81
N GLN C 195 -29.70 23.49 -1.68
CA GLN C 195 -28.31 23.57 -1.26
C GLN C 195 -28.07 24.81 -0.41
N ARG C 196 -28.67 25.95 -0.81
CA ARG C 196 -28.57 27.23 -0.10
C ARG C 196 -29.08 27.09 1.34
N GLN C 197 -30.19 26.37 1.52
CA GLN C 197 -30.81 26.15 2.82
C GLN C 197 -29.92 25.25 3.68
N ARG C 198 -29.45 24.13 3.11
CA ARG C 198 -28.62 23.13 3.78
C ARG C 198 -27.28 23.69 4.27
N LEU C 199 -26.64 24.57 3.46
CA LEU C 199 -25.38 25.21 3.85
C LEU C 199 -25.64 26.23 4.92
N GLN C 200 -26.81 26.91 4.86
CA GLN C 200 -27.20 27.87 5.89
C GLN C 200 -27.51 27.15 7.20
N GLU C 201 -28.09 25.94 7.11
CA GLU C 201 -28.41 25.08 8.24
C GLU C 201 -27.11 24.54 8.87
N ARG C 202 -26.07 24.33 8.03
CA ARG C 202 -24.74 23.85 8.45
C ARG C 202 -24.02 24.88 9.33
N LEU C 203 -24.14 26.17 8.97
CA LEU C 203 -23.55 27.34 9.62
C LEU C 203 -24.17 27.67 11.00
N ASP C 204 -25.40 27.18 11.25
CA ASP C 204 -26.13 27.39 12.50
C ASP C 204 -26.17 26.09 13.36
N ASN C 205 -25.69 24.97 12.76
CA ASN C 205 -25.61 23.64 13.40
C ASN C 205 -24.35 23.57 14.28
N PRO C 206 -24.46 23.29 15.60
CA PRO C 206 -23.26 23.25 16.45
C PRO C 206 -22.35 22.05 16.19
N GLU C 207 -22.96 20.90 15.89
CA GLU C 207 -22.26 19.64 15.63
C GLU C 207 -21.95 19.45 14.14
N LYS C 208 -22.13 20.51 13.33
CA LYS C 208 -21.79 20.51 11.89
C LYS C 208 -20.99 21.78 11.53
N ARG C 209 -20.80 22.68 12.52
CA ARG C 209 -20.05 23.94 12.50
C ARG C 209 -18.66 23.77 11.83
N TRP C 210 -18.08 22.58 12.01
CA TRP C 210 -16.78 22.12 11.54
C TRP C 210 -16.76 21.61 10.09
N LYS C 211 -17.90 21.01 9.63
CA LYS C 211 -18.06 20.47 8.27
C LYS C 211 -17.87 21.54 7.18
N PHE C 212 -18.21 22.81 7.49
CA PHE C 212 -18.07 23.94 6.57
C PHE C 212 -16.60 24.26 6.26
N ARG C 213 -16.36 24.61 4.98
CA ARG C 213 -15.09 25.07 4.41
C ARG C 213 -15.42 26.39 3.67
N MET C 214 -14.45 27.33 3.56
CA MET C 214 -14.69 28.61 2.87
C MET C 214 -14.94 28.46 1.36
N GLY C 215 -14.33 27.42 0.77
CA GLY C 215 -14.45 27.06 -0.64
C GLY C 215 -15.84 26.72 -1.11
N ASP C 216 -16.76 26.36 -0.18
CA ASP C 216 -18.17 26.05 -0.40
C ASP C 216 -18.95 27.25 -0.98
N LEU C 217 -18.48 28.48 -0.70
CA LEU C 217 -19.04 29.74 -1.18
C LEU C 217 -18.58 30.06 -2.62
N GLU C 218 -17.34 29.68 -2.99
CA GLU C 218 -16.80 29.90 -4.35
C GLU C 218 -17.45 28.94 -5.39
N ASP C 219 -17.64 27.64 -5.00
CA ASP C 219 -18.26 26.59 -5.82
C ASP C 219 -19.75 26.84 -6.09
N ARG C 220 -20.38 27.67 -5.25
CA ARG C 220 -21.79 28.08 -5.30
C ARG C 220 -22.07 28.98 -6.54
N ARG C 221 -21.10 29.83 -6.93
CA ARG C 221 -21.24 30.69 -8.12
C ARG C 221 -21.05 29.84 -9.37
N LEU C 222 -20.34 28.71 -9.22
CA LEU C 222 -20.05 27.75 -10.30
C LEU C 222 -21.13 26.67 -10.47
N TRP C 223 -22.31 26.82 -9.81
CA TRP C 223 -23.41 25.85 -9.83
C TRP C 223 -23.70 25.26 -11.22
N ASP C 224 -23.99 26.12 -12.21
CA ASP C 224 -24.38 25.75 -13.57
C ASP C 224 -23.31 24.99 -14.31
N ARG C 225 -22.05 25.42 -14.16
CA ARG C 225 -20.86 24.81 -14.73
C ARG C 225 -20.70 23.38 -14.16
N TYR C 226 -21.05 23.19 -12.86
CA TYR C 226 -21.04 21.89 -12.18
C TYR C 226 -22.19 21.00 -12.68
N GLN C 227 -23.35 21.62 -12.95
CA GLN C 227 -24.53 20.91 -13.46
C GLN C 227 -24.27 20.42 -14.88
N GLU C 228 -23.63 21.28 -15.70
CA GLU C 228 -23.23 21.01 -17.08
C GLU C 228 -22.31 19.80 -17.09
N ALA C 229 -21.30 19.82 -16.18
CA ALA C 229 -20.30 18.78 -15.97
C ALA C 229 -20.95 17.48 -15.55
N TYR C 230 -21.95 17.52 -14.62
CA TYR C 230 -22.62 16.29 -14.20
C TYR C 230 -23.40 15.72 -15.37
N GLU C 231 -24.11 16.58 -16.14
CA GLU C 231 -24.85 16.16 -17.33
C GLU C 231 -23.95 15.41 -18.33
N ALA C 232 -22.77 16.02 -18.64
CA ALA C 232 -21.73 15.50 -19.52
C ALA C 232 -21.20 14.15 -19.04
N ALA C 233 -20.72 14.08 -17.78
CA ALA C 233 -20.20 12.88 -17.12
C ALA C 233 -21.17 11.70 -17.20
N ILE C 234 -22.43 11.91 -16.77
CA ILE C 234 -23.49 10.91 -16.75
C ILE C 234 -23.82 10.41 -18.17
N ARG C 235 -23.98 11.32 -19.14
CA ARG C 235 -24.26 11.00 -20.54
C ARG C 235 -23.16 10.13 -21.14
N GLU C 236 -21.89 10.42 -20.83
CA GLU C 236 -20.74 9.70 -21.35
C GLU C 236 -20.40 8.39 -20.63
N THR C 237 -20.72 8.26 -19.34
CA THR C 237 -20.30 7.07 -18.59
C THR C 237 -21.40 6.13 -18.11
N SER C 238 -22.69 6.45 -18.34
CA SER C 238 -23.72 5.49 -17.92
C SER C 238 -23.76 4.39 -18.97
N THR C 239 -23.41 3.17 -18.57
CA THR C 239 -23.36 2.00 -19.46
C THR C 239 -24.21 0.85 -18.90
N GLU C 240 -24.39 -0.24 -19.64
CA GLU C 240 -25.17 -1.36 -19.08
C GLU C 240 -24.38 -2.06 -17.95
N TYR C 241 -23.04 -2.10 -18.08
CA TYR C 241 -22.19 -2.70 -17.05
C TYR C 241 -22.01 -1.78 -15.86
N ALA C 242 -22.13 -0.46 -16.07
CA ALA C 242 -21.99 0.54 -15.00
C ALA C 242 -23.03 1.66 -15.21
N PRO C 243 -24.28 1.43 -14.72
CA PRO C 243 -25.32 2.44 -14.88
C PRO C 243 -25.34 3.55 -13.86
N TRP C 244 -25.85 4.71 -14.29
CA TRP C 244 -26.02 5.88 -13.45
C TRP C 244 -27.49 5.94 -13.09
N TYR C 245 -27.76 6.23 -11.82
CA TYR C 245 -29.13 6.47 -11.36
C TYR C 245 -29.15 7.89 -10.83
N VAL C 246 -30.10 8.68 -11.32
CA VAL C 246 -30.31 10.05 -10.88
C VAL C 246 -31.39 9.97 -9.78
N ILE C 247 -30.97 10.20 -8.54
CA ILE C 247 -31.83 10.15 -7.36
C ILE C 247 -32.33 11.56 -7.00
N PRO C 248 -33.67 11.85 -7.10
CA PRO C 248 -34.18 13.17 -6.64
C PRO C 248 -33.91 13.22 -5.13
N ALA C 249 -32.93 14.04 -4.72
CA ALA C 249 -32.43 14.04 -3.34
C ALA C 249 -32.86 15.22 -2.46
N ASN C 250 -33.81 16.06 -2.91
CA ASN C 250 -34.30 17.17 -2.10
C ASN C 250 -34.96 16.68 -0.80
N LYS C 251 -35.72 15.55 -0.86
CA LYS C 251 -36.35 14.89 0.30
C LYS C 251 -35.49 13.69 0.72
N ASN C 252 -34.86 13.79 1.91
CA ASN C 252 -33.98 12.76 2.50
C ASN C 252 -34.63 11.39 2.57
N TRP C 253 -35.92 11.35 3.04
CA TRP C 253 -36.70 10.13 3.15
C TRP C 253 -36.84 9.40 1.81
N TYR C 254 -37.00 10.16 0.72
CA TYR C 254 -37.20 9.60 -0.61
C TYR C 254 -35.88 9.12 -1.18
N ARG C 255 -34.83 9.91 -0.92
CA ARG C 255 -33.47 9.64 -1.35
C ARG C 255 -33.01 8.32 -0.75
N ASN C 256 -33.15 8.16 0.57
CA ASN C 256 -32.77 6.98 1.32
C ASN C 256 -33.53 5.73 0.88
N TRP C 257 -34.85 5.84 0.71
CA TRP C 257 -35.67 4.71 0.28
C TRP C 257 -35.30 4.22 -1.15
N LEU C 258 -35.15 5.16 -2.09
CA LEU C 258 -34.88 4.88 -3.49
C LEU C 258 -33.52 4.24 -3.70
N VAL C 259 -32.49 4.72 -2.99
CA VAL C 259 -31.11 4.20 -3.06
C VAL C 259 -31.10 2.76 -2.47
N SER C 260 -31.87 2.56 -1.39
CA SER C 260 -32.01 1.26 -0.76
C SER C 260 -32.71 0.30 -1.69
N HIS C 261 -33.85 0.73 -2.30
CA HIS C 261 -34.61 -0.10 -3.25
C HIS C 261 -33.76 -0.56 -4.44
N ILE C 262 -33.02 0.38 -5.07
CA ILE C 262 -32.15 0.11 -6.21
C ILE C 262 -31.05 -0.88 -5.82
N LEU C 263 -30.37 -0.64 -4.70
CA LEU C 263 -29.29 -1.52 -4.26
C LEU C 263 -29.80 -2.92 -3.95
N VAL C 264 -30.91 -3.02 -3.18
CA VAL C 264 -31.52 -4.29 -2.76
C VAL C 264 -31.92 -5.09 -3.99
N GLU C 265 -32.65 -4.47 -4.95
CA GLU C 265 -33.03 -5.13 -6.20
C GLU C 265 -31.78 -5.65 -6.98
N THR C 266 -30.72 -4.81 -7.12
CA THR C 266 -29.49 -5.21 -7.83
C THR C 266 -28.85 -6.43 -7.17
N LEU C 267 -28.76 -6.42 -5.82
CA LEU C 267 -28.17 -7.50 -5.04
C LEU C 267 -28.99 -8.76 -5.08
N GLU C 268 -30.33 -8.62 -5.17
CA GLU C 268 -31.27 -9.72 -5.30
C GLU C 268 -31.00 -10.41 -6.65
N GLY C 269 -30.78 -9.60 -7.69
CA GLY C 269 -30.50 -10.04 -9.05
C GLY C 269 -29.28 -10.91 -9.21
N LEU C 270 -28.35 -10.82 -8.25
CA LEU C 270 -27.13 -11.62 -8.28
C LEU C 270 -27.37 -13.10 -7.92
N ALA C 271 -28.57 -13.44 -7.38
CA ALA C 271 -28.98 -14.80 -6.99
C ALA C 271 -27.83 -15.53 -6.24
N MET C 272 -27.26 -14.82 -5.25
CA MET C 272 -26.14 -15.27 -4.41
C MET C 272 -26.56 -16.45 -3.58
N GLN C 273 -25.66 -17.43 -3.46
CA GLN C 273 -25.94 -18.63 -2.68
C GLN C 273 -24.85 -18.89 -1.65
N TYR C 274 -25.26 -19.46 -0.51
CA TYR C 274 -24.35 -19.84 0.57
C TYR C 274 -23.58 -21.13 0.10
N PRO C 275 -22.22 -21.19 0.17
CA PRO C 275 -21.52 -22.43 -0.26
C PRO C 275 -21.65 -23.63 0.73
N GLN C 276 -21.17 -24.85 0.33
CA GLN C 276 -21.20 -26.09 1.14
C GLN C 276 -19.95 -26.98 0.89
N PRO C 277 -19.07 -27.22 1.90
CA PRO C 277 -17.80 -27.93 1.64
C PRO C 277 -17.71 -29.44 1.97
N GLU C 278 -18.12 -30.29 1.02
CA GLU C 278 -18.03 -31.74 1.13
C GLU C 278 -17.99 -32.42 -0.22
N MET D 21 14.77 1.02 -33.58
CA MET D 21 14.40 1.22 -34.98
C MET D 21 12.93 0.88 -35.26
N LYS D 22 12.45 1.20 -36.47
CA LYS D 22 11.06 0.86 -36.78
C LYS D 22 10.97 -0.55 -37.40
N LYS D 23 12.12 -1.25 -37.65
CA LYS D 23 12.02 -2.59 -38.19
C LYS D 23 11.57 -3.57 -37.09
N TYR D 24 11.85 -3.24 -35.80
CA TYR D 24 11.49 -4.04 -34.62
C TYR D 24 10.22 -3.56 -33.91
N ARG D 25 9.74 -2.35 -34.23
CA ARG D 25 8.50 -1.81 -33.68
C ARG D 25 7.33 -2.49 -34.39
N VAL D 26 6.43 -3.10 -33.60
CA VAL D 26 5.27 -3.82 -34.13
C VAL D 26 4.14 -2.83 -34.44
N GLN D 27 3.90 -2.65 -35.73
CA GLN D 27 2.87 -1.77 -36.28
C GLN D 27 1.46 -2.09 -35.75
N PRO D 28 0.61 -1.08 -35.44
CA PRO D 28 -0.74 -1.38 -34.94
C PRO D 28 -1.75 -1.75 -36.06
N ASP D 29 -1.35 -2.68 -36.94
CA ASP D 29 -2.17 -3.15 -38.06
C ASP D 29 -2.87 -4.49 -37.78
N GLY D 30 -2.50 -5.14 -36.67
CA GLY D 30 -3.02 -6.44 -36.28
C GLY D 30 -2.68 -7.58 -37.23
N ARG D 31 -1.56 -7.46 -37.97
CA ARG D 31 -1.12 -8.49 -38.92
C ARG D 31 0.23 -9.13 -38.52
N PHE D 32 0.71 -8.84 -37.29
CA PHE D 32 1.93 -9.38 -36.70
C PHE D 32 1.92 -10.90 -36.75
N GLU D 33 3.05 -11.46 -37.18
CA GLU D 33 3.28 -12.90 -37.30
C GLU D 33 4.72 -13.16 -36.82
N LEU D 34 4.86 -13.59 -35.54
CA LEU D 34 6.13 -13.88 -34.86
C LEU D 34 7.14 -14.68 -35.71
N LYS D 35 6.64 -15.42 -36.72
CA LYS D 35 7.45 -16.21 -37.67
C LYS D 35 8.40 -15.32 -38.50
N ARG D 36 8.04 -14.03 -38.69
CA ARG D 36 8.79 -12.99 -39.42
C ARG D 36 10.03 -12.50 -38.65
N PHE D 37 10.12 -12.86 -37.38
CA PHE D 37 11.21 -12.47 -36.51
C PHE D 37 12.10 -13.66 -36.21
N ASP D 38 13.42 -13.50 -36.42
CA ASP D 38 14.39 -14.54 -36.15
C ASP D 38 15.16 -14.19 -34.87
N PRO D 39 15.13 -15.08 -33.83
CA PRO D 39 15.89 -14.81 -32.60
C PRO D 39 17.39 -14.60 -32.86
N ASP D 40 17.92 -15.19 -33.95
CA ASP D 40 19.32 -15.10 -34.31
C ASP D 40 19.70 -13.89 -35.15
N ASP D 41 18.72 -13.06 -35.55
CA ASP D 41 18.92 -11.84 -36.34
C ASP D 41 19.76 -10.76 -35.60
N THR D 42 20.75 -10.20 -36.30
CA THR D 42 21.65 -9.15 -35.78
C THR D 42 21.86 -8.06 -36.85
N SER D 43 20.96 -7.99 -37.85
CA SER D 43 21.05 -7.08 -39.00
C SER D 43 21.08 -5.58 -38.68
N ALA D 44 20.55 -5.12 -37.54
CA ALA D 44 20.61 -3.67 -37.22
C ALA D 44 22.00 -3.20 -36.75
N PHE D 45 22.91 -4.16 -36.51
CA PHE D 45 24.26 -3.83 -36.09
C PHE D 45 25.32 -4.40 -37.02
N GLU D 46 26.17 -3.50 -37.46
CA GLU D 46 27.30 -3.81 -38.31
C GLU D 46 28.57 -3.73 -37.44
N GLY D 47 29.12 -4.88 -37.09
CA GLY D 47 30.35 -4.88 -36.30
C GLY D 47 30.60 -6.06 -35.38
N GLY D 48 29.55 -6.82 -35.06
CA GLY D 48 29.69 -7.99 -34.20
C GLY D 48 29.93 -7.65 -32.74
N LYS D 49 30.14 -8.69 -31.91
CA LYS D 49 30.27 -8.64 -30.46
C LYS D 49 31.11 -7.44 -29.92
N GLN D 50 32.43 -7.41 -30.18
CA GLN D 50 33.40 -6.38 -29.75
C GLN D 50 32.94 -4.94 -30.05
N ALA D 51 32.51 -4.69 -31.30
CA ALA D 51 32.07 -3.37 -31.76
C ALA D 51 30.76 -2.89 -31.10
N ALA D 52 29.88 -3.85 -30.76
CA ALA D 52 28.59 -3.62 -30.10
C ALA D 52 28.74 -3.29 -28.64
N LEU D 53 29.73 -3.89 -27.97
CA LEU D 53 30.02 -3.66 -26.56
C LEU D 53 30.47 -2.22 -26.40
N GLU D 54 31.29 -1.72 -27.35
CA GLU D 54 31.77 -0.34 -27.34
C GLU D 54 30.58 0.60 -27.52
N ALA D 55 29.71 0.29 -28.50
CA ALA D 55 28.49 1.05 -28.81
C ALA D 55 27.54 1.14 -27.58
N LEU D 56 27.39 0.01 -26.84
CA LEU D 56 26.55 -0.11 -25.67
C LEU D 56 27.10 0.75 -24.53
N ALA D 57 28.43 0.79 -24.38
CA ALA D 57 29.12 1.58 -23.37
C ALA D 57 28.78 3.07 -23.53
N VAL D 58 28.74 3.54 -24.80
CA VAL D 58 28.39 4.91 -25.18
C VAL D 58 26.93 5.21 -24.81
N LEU D 59 25.98 4.31 -25.22
CA LEU D 59 24.55 4.45 -24.93
C LEU D 59 24.26 4.39 -23.41
N ASN D 60 25.03 3.56 -22.67
CA ASN D 60 24.85 3.43 -21.23
C ASN D 60 25.16 4.75 -20.51
N ARG D 61 26.18 5.46 -20.99
CA ARG D 61 26.60 6.75 -20.45
C ARG D 61 25.51 7.81 -20.71
N ARG D 62 24.93 7.78 -21.92
CA ARG D 62 23.86 8.69 -22.33
C ARG D 62 22.62 8.37 -21.49
N LEU D 63 22.34 7.07 -21.27
CA LEU D 63 21.23 6.64 -20.43
C LEU D 63 21.39 7.19 -19.01
N GLU D 64 22.60 7.07 -18.42
CA GLU D 64 22.90 7.56 -17.08
C GLU D 64 22.56 9.04 -16.98
N LYS D 65 23.01 9.85 -17.98
CA LYS D 65 22.75 11.28 -18.03
C LYS D 65 21.26 11.60 -18.22
N LEU D 66 20.59 10.87 -19.12
CA LEU D 66 19.17 11.03 -19.38
C LEU D 66 18.29 10.76 -18.16
N GLN D 67 18.68 9.74 -17.34
CA GLN D 67 17.95 9.41 -16.10
C GLN D 67 18.12 10.55 -15.11
N GLU D 68 19.35 11.10 -15.02
CA GLU D 68 19.66 12.22 -14.13
C GLU D 68 18.73 13.41 -14.42
N LEU D 69 18.51 13.68 -15.72
CA LEU D 69 17.59 14.72 -16.19
C LEU D 69 16.16 14.44 -15.81
N LEU D 70 15.72 13.19 -16.01
CA LEU D 70 14.36 12.73 -15.72
C LEU D 70 13.97 12.96 -14.27
N TYR D 71 14.87 12.54 -13.36
CA TYR D 71 14.71 12.65 -11.92
C TYR D 71 14.69 14.13 -11.51
N ALA D 72 15.55 14.94 -12.13
CA ALA D 72 15.63 16.37 -11.86
C ALA D 72 14.40 17.14 -12.37
N GLU D 73 13.94 16.83 -13.59
CA GLU D 73 12.77 17.50 -14.18
C GLU D 73 11.49 17.14 -13.40
N GLY D 74 11.40 15.88 -12.96
CA GLY D 74 10.28 15.36 -12.17
C GLY D 74 8.88 15.51 -12.80
N GLN D 75 8.78 15.42 -14.13
CA GLN D 75 7.50 15.55 -14.80
C GLN D 75 7.10 14.25 -15.51
N HIS D 76 8.04 13.64 -16.24
CA HIS D 76 7.77 12.44 -17.01
C HIS D 76 7.76 11.16 -16.19
N LYS D 77 6.93 10.22 -16.63
CA LYS D 77 6.74 8.88 -16.04
C LYS D 77 7.23 7.90 -17.11
N VAL D 78 8.26 7.07 -16.79
CA VAL D 78 8.79 6.11 -17.77
C VAL D 78 8.50 4.64 -17.35
N LEU D 79 7.83 3.85 -18.25
CA LEU D 79 7.56 2.43 -18.00
C LEU D 79 8.14 1.53 -19.10
N VAL D 80 9.12 0.69 -18.68
CA VAL D 80 9.78 -0.32 -19.49
C VAL D 80 9.20 -1.66 -19.08
N VAL D 81 8.56 -2.35 -20.03
CA VAL D 81 7.94 -3.67 -19.78
C VAL D 81 8.81 -4.71 -20.44
N LEU D 82 9.25 -5.72 -19.64
CA LEU D 82 10.05 -6.83 -20.16
C LEU D 82 9.23 -8.12 -20.07
N GLN D 83 9.07 -8.77 -21.23
CA GLN D 83 8.38 -10.05 -21.38
C GLN D 83 9.28 -10.96 -22.18
N ALA D 84 9.39 -12.19 -21.74
CA ALA D 84 10.22 -13.21 -22.38
C ALA D 84 9.79 -14.57 -21.87
N MET D 85 10.19 -15.63 -22.60
CA MET D 85 10.02 -17.00 -22.15
C MET D 85 11.02 -17.19 -20.98
N ASP D 86 10.85 -18.26 -20.19
CA ASP D 86 11.79 -18.53 -19.09
C ASP D 86 13.22 -18.67 -19.70
N ALA D 87 14.22 -17.99 -19.07
CA ALA D 87 15.63 -17.88 -19.52
C ALA D 87 15.78 -17.03 -20.80
N GLY D 88 14.78 -16.18 -21.06
CA GLY D 88 14.73 -15.29 -22.21
C GLY D 88 15.56 -14.03 -22.12
N GLY D 89 16.19 -13.78 -20.97
CA GLY D 89 17.08 -12.64 -20.74
C GLY D 89 16.56 -11.42 -19.99
N LYS D 90 15.46 -11.57 -19.19
CA LYS D 90 14.84 -10.49 -18.38
C LYS D 90 15.81 -9.91 -17.34
N ASP D 91 16.34 -10.76 -16.43
CA ASP D 91 17.33 -10.32 -15.43
C ASP D 91 18.60 -9.71 -16.07
N GLY D 92 19.11 -10.38 -17.11
CA GLY D 92 20.28 -9.96 -17.87
C GLY D 92 20.16 -8.58 -18.49
N THR D 93 18.96 -8.26 -19.02
CA THR D 93 18.67 -6.96 -19.63
C THR D 93 18.75 -5.86 -18.55
N ILE D 94 17.98 -6.02 -17.46
CA ILE D 94 17.96 -5.08 -16.33
C ILE D 94 19.40 -4.79 -15.87
N ARG D 95 20.15 -5.87 -15.57
CA ARG D 95 21.50 -5.83 -15.06
C ARG D 95 22.46 -5.06 -15.98
N VAL D 96 22.49 -5.38 -17.29
CA VAL D 96 23.39 -4.74 -18.25
C VAL D 96 22.92 -3.36 -18.75
N VAL D 97 21.67 -3.24 -19.23
CA VAL D 97 21.13 -1.96 -19.74
C VAL D 97 21.18 -0.86 -18.68
N PHE D 98 20.80 -1.19 -17.46
CA PHE D 98 20.70 -0.19 -16.40
C PHE D 98 21.94 -0.13 -15.51
N ASP D 99 23.07 -0.69 -15.97
CA ASP D 99 24.33 -0.65 -15.21
C ASP D 99 24.85 0.78 -15.01
N GLY D 100 24.98 1.17 -13.74
CA GLY D 100 25.50 2.47 -13.32
C GLY D 100 24.47 3.58 -13.21
N VAL D 101 23.23 3.28 -13.58
CA VAL D 101 22.11 4.21 -13.49
C VAL D 101 21.71 4.31 -11.99
N ASN D 102 21.62 5.56 -11.48
CA ASN D 102 21.24 5.90 -10.10
C ASN D 102 20.03 5.13 -9.57
N PRO D 103 20.27 4.36 -8.47
CA PRO D 103 19.20 3.58 -7.86
C PRO D 103 18.00 4.39 -7.37
N SER D 104 18.23 5.68 -7.04
CA SER D 104 17.19 6.57 -6.53
C SER D 104 16.13 6.90 -7.58
N GLY D 105 16.51 6.78 -8.86
CA GLY D 105 15.61 7.10 -9.97
C GLY D 105 15.13 5.93 -10.81
N VAL D 106 15.62 4.72 -10.52
CA VAL D 106 15.25 3.52 -11.25
C VAL D 106 14.75 2.42 -10.27
N ARG D 107 13.60 1.80 -10.62
CA ARG D 107 12.96 0.76 -9.81
C ARG D 107 12.49 -0.43 -10.66
N VAL D 108 12.71 -1.64 -10.11
CA VAL D 108 12.23 -2.90 -10.69
C VAL D 108 11.03 -3.38 -9.86
N ALA D 109 9.96 -3.75 -10.58
CA ALA D 109 8.74 -4.32 -10.06
C ALA D 109 8.56 -5.67 -10.76
N SER D 110 8.67 -6.75 -10.01
CA SER D 110 8.54 -8.12 -10.54
C SER D 110 7.15 -8.64 -10.25
N PHE D 111 6.58 -9.36 -11.24
CA PHE D 111 5.28 -9.96 -11.09
C PHE D 111 5.37 -11.47 -11.15
N GLY D 112 5.11 -12.10 -10.02
CA GLY D 112 5.11 -13.55 -9.85
C GLY D 112 3.71 -14.11 -9.68
N VAL D 113 3.62 -15.33 -9.15
CA VAL D 113 2.35 -16.03 -8.92
C VAL D 113 1.49 -15.20 -7.95
N PRO D 114 0.28 -14.80 -8.40
CA PRO D 114 -0.58 -13.94 -7.58
C PRO D 114 -0.92 -14.51 -6.21
N THR D 115 -0.95 -13.63 -5.18
CA THR D 115 -1.30 -14.00 -3.79
C THR D 115 -2.81 -14.01 -3.69
N GLU D 116 -3.35 -14.53 -2.56
CA GLU D 116 -4.78 -14.57 -2.36
C GLU D 116 -5.37 -13.15 -2.29
N GLN D 117 -4.60 -12.19 -1.76
CA GLN D 117 -4.99 -10.77 -1.65
C GLN D 117 -5.06 -10.16 -3.05
N GLU D 118 -4.11 -10.52 -3.93
CA GLU D 118 -4.03 -10.04 -5.29
C GLU D 118 -5.14 -10.62 -6.13
N LEU D 119 -5.51 -11.90 -5.89
CA LEU D 119 -6.57 -12.56 -6.64
C LEU D 119 -7.95 -12.08 -6.24
N ALA D 120 -8.06 -11.49 -5.03
CA ALA D 120 -9.31 -10.97 -4.44
C ALA D 120 -9.75 -9.66 -5.10
N ARG D 121 -8.88 -9.08 -5.94
CA ARG D 121 -9.15 -7.87 -6.73
C ARG D 121 -8.86 -8.22 -8.18
N ASP D 122 -9.36 -7.40 -9.13
CA ASP D 122 -9.06 -7.60 -10.55
C ASP D 122 -7.52 -7.70 -10.75
N TYR D 123 -7.10 -8.43 -11.79
CA TYR D 123 -5.69 -8.63 -12.13
C TYR D 123 -4.88 -7.34 -12.35
N LEU D 124 -5.55 -6.22 -12.70
CA LEU D 124 -4.79 -4.97 -12.96
C LEU D 124 -4.47 -4.19 -11.68
N TRP D 125 -5.13 -4.52 -10.56
CA TRP D 125 -4.95 -3.89 -9.27
C TRP D 125 -3.49 -3.94 -8.77
N ARG D 126 -2.86 -5.13 -8.82
CA ARG D 126 -1.48 -5.28 -8.33
C ARG D 126 -0.48 -4.56 -9.20
N VAL D 127 -0.78 -4.49 -10.51
CA VAL D 127 0.04 -3.93 -11.56
C VAL D 127 -0.08 -2.41 -11.50
N HIS D 128 -1.32 -1.88 -11.47
CA HIS D 128 -1.56 -0.44 -11.41
C HIS D 128 -0.83 0.19 -10.20
N GLN D 129 -0.77 -0.52 -9.07
CA GLN D 129 -0.09 -0.05 -7.85
C GLN D 129 1.39 0.24 -8.07
N GLN D 130 2.06 -0.46 -9.01
CA GLN D 130 3.49 -0.34 -9.24
C GLN D 130 3.92 0.63 -10.36
N VAL D 131 2.96 1.27 -11.05
CA VAL D 131 3.24 2.18 -12.17
C VAL D 131 4.26 3.28 -11.78
N PRO D 132 5.17 3.76 -12.68
CA PRO D 132 6.09 4.82 -12.26
C PRO D 132 5.39 6.12 -11.89
N ARG D 133 5.98 6.82 -10.93
CA ARG D 133 5.52 8.13 -10.52
C ARG D 133 6.33 9.17 -11.37
N LYS D 134 6.01 10.47 -11.23
CA LYS D 134 6.72 11.56 -11.91
C LYS D 134 8.21 11.52 -11.52
N GLY D 135 9.09 11.60 -12.53
CA GLY D 135 10.54 11.58 -12.38
C GLY D 135 11.19 10.21 -12.21
N GLU D 136 10.35 9.15 -12.23
CA GLU D 136 10.76 7.77 -12.04
C GLU D 136 10.73 6.93 -13.31
N LEU D 137 11.71 6.04 -13.45
CA LEU D 137 11.80 5.05 -14.51
C LEU D 137 11.59 3.69 -13.81
N VAL D 138 10.50 3.00 -14.19
CA VAL D 138 10.15 1.67 -13.67
C VAL D 138 10.28 0.59 -14.75
N ILE D 139 10.88 -0.56 -14.35
CA ILE D 139 11.02 -1.73 -15.18
C ILE D 139 10.09 -2.76 -14.57
N PHE D 140 9.21 -3.32 -15.41
CA PHE D 140 8.30 -4.41 -15.07
C PHE D 140 8.99 -5.69 -15.58
N ASN D 141 9.39 -6.55 -14.64
CA ASN D 141 9.99 -7.86 -14.92
C ASN D 141 8.80 -8.81 -14.83
N ARG D 142 8.19 -9.12 -15.99
CA ARG D 142 6.90 -9.77 -16.19
C ARG D 142 5.86 -8.69 -15.84
N SER D 143 4.62 -8.82 -16.30
CA SER D 143 3.65 -7.73 -16.09
C SER D 143 2.21 -8.22 -16.08
N HIS D 144 1.27 -7.28 -16.32
CA HIS D 144 -0.14 -7.52 -16.53
C HIS D 144 -0.36 -8.46 -17.74
N TYR D 145 0.65 -8.56 -18.66
CA TYR D 145 0.62 -9.43 -19.83
C TYR D 145 0.56 -10.88 -19.44
N GLU D 146 1.13 -11.22 -18.28
CA GLU D 146 1.06 -12.58 -17.70
C GLU D 146 -0.38 -13.12 -17.64
N ASP D 147 -1.35 -12.17 -17.48
CA ASP D 147 -2.77 -12.46 -17.36
C ASP D 147 -3.42 -12.82 -18.70
N VAL D 148 -2.64 -12.76 -19.80
CA VAL D 148 -3.06 -13.19 -21.14
C VAL D 148 -2.03 -14.17 -21.67
N LEU D 149 -1.04 -14.55 -20.84
CA LEU D 149 0.03 -15.49 -21.23
C LEU D 149 -0.10 -16.83 -20.45
N VAL D 150 0.54 -16.95 -19.26
CA VAL D 150 0.46 -18.16 -18.41
C VAL D 150 -1.02 -18.48 -18.09
N VAL D 151 -1.84 -17.46 -17.83
CA VAL D 151 -3.26 -17.57 -17.54
C VAL D 151 -4.01 -18.25 -18.73
N ARG D 152 -3.69 -17.83 -19.96
CA ARG D 152 -4.26 -18.37 -21.21
C ARG D 152 -3.80 -19.80 -21.47
N VAL D 153 -2.48 -20.03 -21.43
CA VAL D 153 -1.83 -21.31 -21.72
C VAL D 153 -2.30 -22.43 -20.73
N LYS D 154 -2.34 -22.11 -19.42
CA LYS D 154 -2.72 -23.04 -18.35
C LYS D 154 -4.21 -23.00 -18.00
N ASN D 155 -4.99 -22.15 -18.72
CA ASN D 155 -6.44 -21.93 -18.53
C ASN D 155 -6.78 -21.76 -17.06
N LEU D 156 -6.16 -20.75 -16.46
CA LEU D 156 -6.33 -20.38 -15.05
C LEU D 156 -7.65 -19.65 -14.84
N VAL D 157 -8.20 -19.13 -15.95
CA VAL D 157 -9.51 -18.52 -16.12
C VAL D 157 -10.02 -19.03 -17.51
N PRO D 158 -11.34 -19.05 -17.80
CA PRO D 158 -11.75 -19.54 -19.13
C PRO D 158 -11.53 -18.52 -20.24
N GLN D 159 -11.50 -18.96 -21.51
CA GLN D 159 -11.29 -18.14 -22.72
C GLN D 159 -12.18 -16.90 -22.72
N GLN D 160 -13.49 -17.09 -22.36
CA GLN D 160 -14.46 -16.01 -22.27
C GLN D 160 -13.92 -14.86 -21.42
N VAL D 161 -13.25 -15.22 -20.30
CA VAL D 161 -12.69 -14.26 -19.36
C VAL D 161 -11.38 -13.60 -19.89
N TRP D 162 -10.35 -14.38 -20.29
CA TRP D 162 -9.09 -13.80 -20.73
C TRP D 162 -9.15 -13.12 -22.09
N GLN D 163 -10.14 -13.48 -22.95
CA GLN D 163 -10.30 -12.87 -24.28
C GLN D 163 -10.58 -11.36 -24.19
N LYS D 164 -11.40 -10.95 -23.21
CA LYS D 164 -11.81 -9.56 -22.94
C LYS D 164 -10.63 -8.69 -22.45
N ARG D 165 -9.62 -9.35 -21.86
CA ARG D 165 -8.45 -8.76 -21.24
C ARG D 165 -7.53 -8.00 -22.20
N TYR D 166 -7.57 -8.28 -23.52
CA TYR D 166 -6.76 -7.55 -24.52
C TYR D 166 -7.21 -6.09 -24.62
N ARG D 167 -8.56 -5.88 -24.65
CA ARG D 167 -9.18 -4.56 -24.69
C ARG D 167 -8.84 -3.81 -23.44
N HIS D 168 -8.93 -4.48 -22.26
CA HIS D 168 -8.62 -3.89 -20.96
C HIS D 168 -7.22 -3.32 -21.00
N ILE D 169 -6.25 -4.12 -21.44
CA ILE D 169 -4.86 -3.69 -21.48
C ILE D 169 -4.70 -2.47 -22.41
N ARG D 170 -5.25 -2.55 -23.66
CA ARG D 170 -5.17 -1.42 -24.60
C ARG D 170 -5.62 -0.13 -23.95
N GLU D 171 -6.77 -0.19 -23.29
CA GLU D 171 -7.43 0.92 -22.65
C GLU D 171 -6.74 1.42 -21.39
N PHE D 172 -6.13 0.50 -20.62
CA PHE D 172 -5.38 0.81 -19.41
C PHE D 172 -4.09 1.57 -19.79
N GLU D 173 -3.44 1.10 -20.87
CA GLU D 173 -2.21 1.71 -21.37
C GLU D 173 -2.51 3.04 -22.05
N ARG D 174 -3.72 3.21 -22.65
CA ARG D 174 -4.13 4.46 -23.29
C ARG D 174 -4.21 5.51 -22.21
N MET D 175 -4.87 5.15 -21.10
CA MET D 175 -5.03 5.98 -19.91
C MET D 175 -3.65 6.40 -19.37
N LEU D 176 -2.72 5.43 -19.22
CA LEU D 176 -1.39 5.71 -18.68
C LEU D 176 -0.64 6.69 -19.53
N ALA D 177 -0.67 6.45 -20.84
CA ALA D 177 0.01 7.30 -21.83
C ALA D 177 -0.58 8.71 -21.89
N ASP D 178 -1.91 8.81 -21.97
CA ASP D 178 -2.64 10.07 -22.01
C ASP D 178 -2.31 10.95 -20.81
N GLU D 179 -2.09 10.31 -19.66
CA GLU D 179 -1.82 10.98 -18.40
C GLU D 179 -0.31 11.20 -18.14
N GLY D 180 0.56 10.90 -19.11
CA GLY D 180 1.97 11.21 -18.97
C GLY D 180 3.01 10.11 -18.92
N THR D 181 2.62 8.84 -19.20
CA THR D 181 3.57 7.74 -19.21
C THR D 181 4.05 7.40 -20.60
N THR D 182 5.38 7.35 -20.77
CA THR D 182 6.13 6.91 -21.94
C THR D 182 6.27 5.38 -21.71
N ILE D 183 5.59 4.57 -22.56
CA ILE D 183 5.51 3.11 -22.43
C ILE D 183 6.34 2.42 -23.52
N LEU D 184 7.31 1.62 -23.05
CA LEU D 184 8.16 0.82 -23.93
C LEU D 184 7.95 -0.62 -23.55
N LYS D 185 7.48 -1.43 -24.49
CA LYS D 185 7.26 -2.85 -24.22
C LYS D 185 8.19 -3.66 -25.08
N PHE D 186 9.05 -4.44 -24.41
CA PHE D 186 10.04 -5.27 -25.07
C PHE D 186 9.74 -6.73 -24.93
N PHE D 187 9.67 -7.42 -26.09
CA PHE D 187 9.53 -8.87 -26.12
C PHE D 187 10.89 -9.44 -26.46
N LEU D 188 11.50 -10.14 -25.50
CA LEU D 188 12.81 -10.76 -25.69
C LEU D 188 12.62 -12.14 -26.32
N HIS D 189 12.86 -12.18 -27.65
CA HIS D 189 12.62 -13.33 -28.49
C HIS D 189 13.82 -14.28 -28.63
N ILE D 190 13.72 -15.45 -27.98
CA ILE D 190 14.71 -16.51 -28.04
C ILE D 190 14.13 -17.75 -28.74
N SER D 191 15.01 -18.61 -29.30
CA SER D 191 14.60 -19.85 -29.96
C SER D 191 14.39 -20.95 -28.91
N LYS D 192 13.64 -22.03 -29.29
CA LYS D 192 13.36 -23.17 -28.41
C LYS D 192 14.69 -23.84 -28.03
N ASP D 193 15.60 -23.98 -29.03
CA ASP D 193 16.91 -24.57 -28.85
C ASP D 193 17.81 -23.78 -27.89
N GLU D 194 17.79 -22.43 -28.00
CA GLU D 194 18.55 -21.53 -27.14
C GLU D 194 18.09 -21.69 -25.68
N GLN D 195 16.76 -21.77 -25.46
CA GLN D 195 16.17 -21.93 -24.14
C GLN D 195 16.64 -23.25 -23.51
N ARG D 196 16.69 -24.34 -24.31
CA ARG D 196 17.13 -25.67 -23.88
C ARG D 196 18.55 -25.61 -23.34
N GLN D 197 19.44 -24.86 -24.01
CA GLN D 197 20.83 -24.71 -23.60
C GLN D 197 20.92 -23.90 -22.29
N ARG D 198 20.22 -22.75 -22.23
CA ARG D 198 20.22 -21.85 -21.07
C ARG D 198 19.70 -22.50 -19.79
N LEU D 199 18.58 -23.28 -19.92
CA LEU D 199 17.95 -24.06 -18.85
C LEU D 199 18.92 -25.12 -18.37
N GLN D 200 19.65 -25.76 -19.32
CA GLN D 200 20.64 -26.80 -19.00
C GLN D 200 21.84 -26.19 -18.30
N GLU D 201 22.26 -24.99 -18.76
CA GLU D 201 23.38 -24.23 -18.21
C GLU D 201 23.08 -23.78 -16.78
N ARG D 202 21.81 -23.42 -16.51
CA ARG D 202 21.31 -23.02 -15.20
C ARG D 202 21.47 -24.20 -14.21
N LEU D 203 21.16 -25.43 -14.69
CA LEU D 203 21.25 -26.69 -13.96
C LEU D 203 22.67 -27.06 -13.60
N ASP D 204 23.62 -26.89 -14.54
CA ASP D 204 25.04 -27.25 -14.38
C ASP D 204 25.83 -26.18 -13.59
N ASN D 205 25.32 -24.94 -13.61
CA ASN D 205 25.92 -23.82 -12.90
C ASN D 205 25.49 -23.83 -11.40
N PRO D 206 26.48 -23.92 -10.47
CA PRO D 206 26.14 -23.93 -9.03
C PRO D 206 25.57 -22.59 -8.51
N GLU D 207 25.94 -21.48 -9.16
CA GLU D 207 25.50 -20.13 -8.82
C GLU D 207 24.25 -19.75 -9.60
N LYS D 208 23.68 -20.75 -10.35
CA LYS D 208 22.44 -20.56 -11.13
C LYS D 208 21.33 -21.61 -10.83
N ARG D 209 21.69 -22.85 -10.40
CA ARG D 209 20.76 -23.93 -10.04
C ARG D 209 19.57 -23.43 -9.22
N TRP D 210 19.85 -22.54 -8.26
CA TRP D 210 18.87 -21.95 -7.36
C TRP D 210 17.65 -21.32 -8.08
N LYS D 211 17.86 -20.80 -9.31
CA LYS D 211 16.81 -20.20 -10.13
C LYS D 211 15.81 -21.26 -10.62
N PHE D 212 16.30 -22.52 -10.81
CA PHE D 212 15.48 -23.63 -11.28
C PHE D 212 14.32 -24.04 -10.35
N ARG D 213 13.16 -24.31 -10.97
CA ARG D 213 11.93 -24.85 -10.40
C ARG D 213 11.54 -26.00 -11.37
N MET D 214 10.76 -27.01 -10.89
CA MET D 214 10.35 -28.14 -11.76
C MET D 214 9.43 -27.73 -12.92
N GLY D 215 8.67 -26.66 -12.72
CA GLY D 215 7.76 -26.06 -13.68
C GLY D 215 8.42 -25.52 -14.94
N ASP D 216 9.76 -25.36 -14.93
CA ASP D 216 10.57 -24.88 -16.07
C ASP D 216 10.49 -25.89 -17.25
N LEU D 217 10.29 -27.19 -16.92
CA LEU D 217 10.17 -28.33 -17.84
C LEU D 217 8.75 -28.48 -18.39
N GLU D 218 7.76 -27.87 -17.68
CA GLU D 218 6.35 -27.80 -18.05
C GLU D 218 6.15 -26.63 -19.02
N ASP D 219 6.78 -25.47 -18.72
CA ASP D 219 6.76 -24.25 -19.54
C ASP D 219 7.65 -24.40 -20.81
N ARG D 220 8.39 -25.54 -20.88
CA ARG D 220 9.21 -25.99 -22.01
C ARG D 220 8.29 -26.86 -22.91
N ARG D 221 7.55 -27.79 -22.30
CA ARG D 221 6.59 -28.70 -22.92
C ARG D 221 5.47 -27.95 -23.71
N LEU D 222 5.00 -26.77 -23.19
CA LEU D 222 3.95 -25.90 -23.76
C LEU D 222 4.50 -24.76 -24.66
N TRP D 223 5.77 -24.85 -25.08
CA TRP D 223 6.46 -23.87 -25.92
C TRP D 223 5.59 -23.20 -26.99
N ASP D 224 5.00 -24.00 -27.90
CA ASP D 224 4.21 -23.54 -29.02
C ASP D 224 2.97 -22.78 -28.61
N ARG D 225 2.27 -23.26 -27.56
CA ARG D 225 1.09 -22.64 -26.98
C ARG D 225 1.48 -21.27 -26.42
N TYR D 226 2.68 -21.17 -25.81
CA TYR D 226 3.22 -19.92 -25.30
C TYR D 226 3.55 -18.94 -26.43
N GLN D 227 4.09 -19.46 -27.53
CA GLN D 227 4.47 -18.67 -28.69
C GLN D 227 3.23 -18.12 -29.36
N GLU D 228 2.17 -18.96 -29.47
CA GLU D 228 0.86 -18.59 -30.00
C GLU D 228 0.25 -17.47 -29.11
N ALA D 229 0.43 -17.59 -27.78
CA ALA D 229 -0.03 -16.63 -26.78
C ALA D 229 0.72 -15.29 -26.89
N TYR D 230 2.01 -15.32 -27.23
CA TYR D 230 2.79 -14.09 -27.39
C TYR D 230 2.40 -13.41 -28.70
N GLU D 231 2.18 -14.19 -29.77
CA GLU D 231 1.75 -13.69 -31.09
C GLU D 231 0.41 -12.93 -30.89
N ALA D 232 -0.62 -13.60 -30.35
CA ALA D 232 -1.90 -12.98 -30.06
C ALA D 232 -1.77 -11.71 -29.19
N ALA D 233 -1.08 -11.78 -28.02
CA ALA D 233 -0.92 -10.61 -27.15
C ALA D 233 -0.35 -9.41 -27.89
N ILE D 234 0.89 -9.55 -28.49
CA ILE D 234 1.60 -8.51 -29.26
C ILE D 234 0.73 -7.93 -30.39
N ARG D 235 0.07 -8.80 -31.16
CA ARG D 235 -0.85 -8.44 -32.25
C ARG D 235 -2.01 -7.56 -31.71
N GLU D 236 -2.55 -7.91 -30.53
CA GLU D 236 -3.67 -7.23 -29.90
C GLU D 236 -3.31 -5.95 -29.16
N THR D 237 -2.10 -5.85 -28.61
CA THR D 237 -1.79 -4.73 -27.72
C THR D 237 -0.69 -3.77 -28.20
N SER D 238 -0.06 -4.02 -29.36
CA SER D 238 0.95 -3.07 -29.83
C SER D 238 0.18 -1.91 -30.47
N THR D 239 0.30 -0.71 -29.86
CA THR D 239 -0.38 0.50 -30.30
C THR D 239 0.62 1.63 -30.53
N GLU D 240 0.14 2.77 -31.04
CA GLU D 240 0.99 3.93 -31.26
C GLU D 240 1.48 4.45 -29.92
N TYR D 241 0.56 4.49 -28.92
CA TYR D 241 0.87 5.00 -27.58
C TYR D 241 1.68 4.01 -26.75
N ALA D 242 1.53 2.71 -27.06
CA ALA D 242 2.26 1.67 -26.33
C ALA D 242 2.73 0.59 -27.32
N PRO D 243 3.88 0.85 -27.99
CA PRO D 243 4.39 -0.12 -28.97
C PRO D 243 5.14 -1.28 -28.34
N TRP D 244 5.12 -2.39 -29.07
CA TRP D 244 5.86 -3.58 -28.76
C TRP D 244 7.08 -3.59 -29.66
N TYR D 245 8.23 -3.93 -29.10
CA TYR D 245 9.46 -4.12 -29.86
C TYR D 245 9.85 -5.57 -29.66
N VAL D 246 10.04 -6.29 -30.76
CA VAL D 246 10.48 -7.68 -30.76
C VAL D 246 11.99 -7.62 -30.88
N ILE D 247 12.67 -7.96 -29.79
CA ILE D 247 14.12 -7.96 -29.68
C ILE D 247 14.70 -9.37 -29.95
N PRO D 248 15.44 -9.60 -31.09
CA PRO D 248 16.07 -10.92 -31.30
C PRO D 248 17.07 -11.11 -30.16
N ALA D 249 16.75 -12.00 -29.20
CA ALA D 249 17.49 -12.12 -27.95
C ALA D 249 18.41 -13.33 -27.80
N ASN D 250 18.66 -14.11 -28.88
CA ASN D 250 19.57 -15.26 -28.82
C ASN D 250 21.00 -14.82 -28.48
N LYS D 251 21.46 -13.65 -29.02
CA LYS D 251 22.76 -13.01 -28.74
C LYS D 251 22.57 -11.89 -27.71
N ASN D 252 23.09 -12.09 -26.48
CA ASN D 252 22.99 -11.15 -25.36
C ASN D 252 23.51 -9.75 -25.71
N TRP D 253 24.67 -9.69 -26.40
CA TRP D 253 25.29 -8.43 -26.82
C TRP D 253 24.37 -7.61 -27.72
N TYR D 254 23.62 -8.29 -28.62
CA TYR D 254 22.73 -7.62 -29.55
C TYR D 254 21.47 -7.17 -28.88
N ARG D 255 20.95 -8.01 -27.96
CA ARG D 255 19.78 -7.78 -27.17
C ARG D 255 19.98 -6.52 -26.34
N ASN D 256 21.10 -6.46 -25.61
CA ASN D 256 21.45 -5.34 -24.73
C ASN D 256 21.66 -4.03 -25.47
N TRP D 257 22.36 -4.07 -26.62
CA TRP D 257 22.59 -2.87 -27.43
C TRP D 257 21.28 -2.27 -27.99
N LEU D 258 20.43 -3.14 -28.56
CA LEU D 258 19.18 -2.77 -29.20
C LEU D 258 18.16 -2.19 -28.21
N VAL D 259 18.01 -2.80 -27.01
CA VAL D 259 17.08 -2.28 -25.98
C VAL D 259 17.57 -0.91 -25.48
N SER D 260 18.92 -0.77 -25.32
CA SER D 260 19.58 0.47 -24.91
C SER D 260 19.34 1.55 -25.94
N HIS D 261 19.58 1.24 -27.24
CA HIS D 261 19.36 2.17 -28.33
C HIS D 261 17.91 2.69 -28.37
N ILE D 262 16.91 1.78 -28.28
CA ILE D 262 15.49 2.12 -28.32
C ILE D 262 15.14 3.02 -27.14
N LEU D 263 15.57 2.64 -25.92
CA LEU D 263 15.28 3.43 -24.73
C LEU D 263 15.90 4.83 -24.78
N VAL D 264 17.20 4.91 -25.12
CA VAL D 264 17.95 6.17 -25.21
C VAL D 264 17.28 7.11 -26.22
N GLU D 265 17.00 6.64 -27.45
CA GLU D 265 16.30 7.43 -28.48
C GLU D 265 14.95 7.96 -27.93
N THR D 266 14.12 7.09 -27.29
CA THR D 266 12.82 7.50 -26.74
C THR D 266 13.00 8.63 -25.73
N LEU D 267 13.95 8.46 -24.79
CA LEU D 267 14.25 9.43 -23.75
C LEU D 267 14.81 10.74 -24.27
N GLU D 268 15.58 10.66 -25.38
CA GLU D 268 16.13 11.84 -26.06
C GLU D 268 14.97 12.68 -26.59
N GLY D 269 13.98 11.97 -27.18
CA GLY D 269 12.77 12.53 -27.76
C GLY D 269 11.93 13.34 -26.79
N LEU D 270 12.09 13.10 -25.49
CA LEU D 270 11.33 13.81 -24.47
C LEU D 270 11.80 15.25 -24.26
N ALA D 271 12.99 15.63 -24.79
CA ALA D 271 13.54 17.00 -24.71
C ALA D 271 13.44 17.55 -23.28
N MET D 272 13.83 16.73 -22.31
CA MET D 272 13.80 17.03 -20.89
C MET D 272 14.76 18.14 -20.55
N GLN D 273 14.32 19.04 -19.66
CA GLN D 273 15.12 20.18 -19.24
C GLN D 273 15.23 20.26 -17.72
N TYR D 274 16.38 20.71 -17.22
CA TYR D 274 16.62 20.92 -15.80
C TYR D 274 15.78 22.13 -15.28
N PRO D 275 15.20 22.05 -14.05
CA PRO D 275 14.46 23.24 -13.52
C PRO D 275 15.33 24.48 -13.27
N GLN D 276 14.71 25.67 -13.25
CA GLN D 276 15.38 26.98 -13.10
C GLN D 276 15.75 27.42 -11.65
N PRO D 277 14.90 27.28 -10.58
CA PRO D 277 15.34 27.76 -9.25
C PRO D 277 16.05 26.69 -8.42
N ILE D 284 21.65 35.64 -3.90
CA ILE D 284 21.83 34.95 -2.62
C ILE D 284 23.28 34.49 -2.42
N VAL D 285 23.96 35.00 -1.35
CA VAL D 285 25.33 34.65 -0.96
C VAL D 285 25.33 33.87 0.39
N ILE D 286 25.74 32.57 0.36
CA ILE D 286 25.83 31.71 1.54
C ILE D 286 26.86 32.23 2.52
N GLU D 287 26.47 32.34 3.80
CA GLU D 287 27.32 32.83 4.89
C GLU D 287 27.47 31.76 5.98
PB ADP E . 16.74 16.20 0.21
O1B ADP E . 17.41 15.26 -0.83
O2B ADP E . 17.19 15.94 1.62
O3B ADP E . 16.97 17.67 -0.24
PA ADP E . 13.93 16.87 -0.20
O1A ADP E . 14.33 17.99 -1.09
O2A ADP E . 12.70 16.05 -0.73
O3A ADP E . 15.18 15.91 0.06
O5' ADP E . 13.60 17.37 1.24
C5' ADP E . 13.09 16.50 2.27
C4' ADP E . 12.92 17.33 3.51
O4' ADP E . 11.95 16.67 4.35
C3' ADP E . 14.19 17.50 4.34
O3' ADP E . 14.65 18.83 4.36
C2' ADP E . 13.82 16.96 5.74
O2' ADP E . 14.26 17.80 6.80
C1' ADP E . 12.30 16.91 5.70
N9 ADP E . 11.73 15.81 6.48
C8 ADP E . 12.04 14.49 6.38
N7 ADP E . 11.48 13.73 7.29
C5 ADP E . 10.77 14.64 8.07
C6 ADP E . 9.96 14.48 9.21
N6 ADP E . 9.83 13.33 9.88
N1 ADP E . 9.30 15.58 9.67
C2 ADP E . 9.50 16.74 9.06
N3 ADP E . 10.26 17.02 8.00
C4 ADP E . 10.88 15.92 7.55
O11 PPV F . 20.47 18.55 0.61
P1 PPV F . 20.62 17.12 -0.02
O21 PPV F . 19.88 16.15 0.95
O31 PPV F . 20.18 17.01 -1.47
OPP PPV F . 22.18 16.71 0.02
P2 PPV F . 22.94 15.31 -0.01
O12 PPV F . 22.19 14.40 -0.91
O22 PPV F . 24.38 15.66 -0.49
O32 PPV F . 23.01 14.74 1.42
MG MG G . 18.24 17.94 -2.17
PB ADP H . -11.68 -16.84 11.00
O1B ADP H . -10.87 -16.84 12.25
O2B ADP H . -12.83 -15.80 10.96
O3B ADP H . -12.26 -18.25 10.72
PA ADP H . -10.31 -17.36 8.48
O1A ADP H . -9.97 -16.44 7.25
O2A ADP H . -11.29 -18.44 8.17
O3A ADP H . -10.84 -16.48 9.70
O5' ADP H . -8.96 -17.88 9.06
C5' ADP H . -7.80 -17.07 9.35
C4' ADP H . -6.77 -18.03 9.87
O4' ADP H . -5.46 -17.44 9.72
C3' ADP H . -6.93 -18.42 11.34
O3' ADP H . -7.25 -19.79 11.49
C2' ADP H . -5.60 -18.02 11.99
O2' ADP H . -5.12 -18.98 12.93
C1' ADP H . -4.66 -17.88 10.79
N9 ADP H . -3.59 -16.90 10.98
C8 ADP H . -3.76 -15.59 11.35
N7 ADP H . -2.64 -14.96 11.62
C5 ADP H . -1.66 -15.92 11.40
C6 ADP H . -0.26 -15.89 11.51
N6 ADP H . 0.42 -14.84 11.98
N1 ADP H . 0.42 -17.00 11.15
C2 ADP H . -0.26 -18.08 10.74
N3 ADP H . -1.59 -18.23 10.63
C4 ADP H . -2.24 -17.12 10.99
O11 PPV I . -15.24 -18.93 14.24
P1 PPV I . -14.36 -17.84 13.64
O21 PPV I . -14.88 -17.37 12.29
O31 PPV I . -12.85 -18.20 13.73
OPP PPV I . -14.47 -16.62 14.66
P2 PPV I . -15.59 -16.15 15.68
O12 PPV I . -16.61 -17.24 15.86
O22 PPV I . -14.80 -15.95 16.98
O32 PPV I . -16.16 -14.98 15.12
MG MG J . -14.54 -17.62 10.40
MG MG K . -11.71 -20.72 10.53
PB ADP L . -16.68 16.61 1.55
O1B ADP L . -17.17 16.54 0.12
O2B ADP L . -17.36 15.58 2.49
O3B ADP L . -16.88 18.02 2.15
PA ADP L . -13.86 17.17 1.99
O1A ADP L . -12.66 16.34 2.45
O2A ADP L . -14.23 18.19 3.02
O3A ADP L . -15.13 16.27 1.67
O5' ADP L . -13.50 17.78 0.60
C5' ADP L . -13.06 17.01 -0.51
C4' ADP L . -12.87 17.97 -1.65
O4' ADP L . -11.89 17.43 -2.57
C3' ADP L . -14.13 18.26 -2.46
O3' ADP L . -14.51 19.64 -2.36
C2' ADP L . -13.77 17.86 -3.90
O2' ADP L . -14.23 18.79 -4.88
C1' ADP L . -12.24 17.79 -3.88
N9 ADP L . -11.67 16.79 -4.78
C8 ADP L . -12.00 15.46 -4.84
N7 ADP L . -11.45 14.82 -5.83
C5 ADP L . -10.70 15.80 -6.48
C6 ADP L . -9.89 15.76 -7.64
N6 ADP L . -9.77 14.68 -8.43
N1 ADP L . -9.25 16.91 -7.99
C2 ADP L . -9.42 18.00 -7.24
N3 ADP L . -10.17 18.15 -6.14
C4 ADP L . -10.80 17.01 -5.82
O11 PPV M . -20.19 18.60 1.96
P1 PPV M . -20.40 17.14 2.37
O21 PPV M . -19.70 16.82 3.71
O31 PPV M . -19.88 16.30 1.18
OPP PPV M . -21.99 16.90 2.36
P2 PPV M . -22.95 15.66 2.04
O12 PPV M . -24.26 15.86 2.84
O22 PPV M . -22.22 14.42 2.38
O32 PPV M . -23.30 15.72 0.54
PB ADP N . 11.17 -15.73 -12.90
O1B ADP N . 12.43 -14.84 -12.93
O2B ADP N . 10.04 -15.07 -13.65
O3B ADP N . 11.54 -17.13 -13.48
PA ADP N . 10.15 -17.00 -10.41
O1A ADP N . 10.47 -18.38 -10.90
O2A ADP N . 10.67 -16.88 -8.97
O3A ADP N . 10.88 -15.93 -11.34
O5' ADP N . 8.54 -16.64 -10.38
C5' ADP N . 7.75 -16.05 -11.45
C4' ADP N . 6.67 -17.00 -11.93
O4' ADP N . 5.38 -16.41 -11.68
C3' ADP N . 6.70 -17.37 -13.42
O3' ADP N . 6.74 -18.77 -13.61
C2' ADP N . 5.41 -16.75 -13.99
O2' ADP N . 4.77 -17.53 -15.01
C1' ADP N . 4.52 -16.70 -12.76
N9 ADP N . 3.45 -15.70 -12.82
C8 ADP N . 3.60 -14.34 -12.96
N7 ADP N . 2.48 -13.69 -13.09
C5 ADP N . 1.51 -14.69 -13.05
C6 ADP N . 0.11 -14.67 -13.21
N6 ADP N . -0.57 -13.60 -13.63
N1 ADP N . -0.56 -15.83 -13.05
C2 ADP N . 0.13 -16.95 -12.80
N3 ADP N . 1.47 -17.10 -12.70
C4 ADP N . 2.10 -15.92 -12.85
O11 PPV O . 12.50 -15.72 -16.03
P1 PPV O . 13.93 -16.26 -15.65
O21 PPV O . 14.52 -15.68 -14.36
O31 PPV O . 13.85 -17.77 -15.61
OPP PPV O . 14.91 -15.92 -16.87
P2 PPV O . 15.39 -14.54 -17.52
O12 PPV O . 15.40 -13.41 -16.52
O22 PPV O . 16.79 -14.78 -18.11
O32 PPV O . 14.33 -14.32 -18.64
MG MG P . 14.20 -16.78 -12.69
#